data_1AGZ
# 
_entry.id   1AGZ 
# 
_audit_conform.dict_name       mmcif_pdbx.dic 
_audit_conform.dict_version    5.392 
_audit_conform.dict_location   http://mmcif.pdb.org/dictionaries/ascii/mmcif_pdbx.dic 
# 
loop_
_database_2.database_id 
_database_2.database_code 
_database_2.pdbx_database_accession 
_database_2.pdbx_DOI 
PDB   1AGZ         pdb_00001agz 10.2210/pdb1agz/pdb 
WWPDB D_1000170803 ?            ?                   
# 
loop_
_pdbx_audit_revision_history.ordinal 
_pdbx_audit_revision_history.data_content_type 
_pdbx_audit_revision_history.major_revision 
_pdbx_audit_revision_history.minor_revision 
_pdbx_audit_revision_history.revision_date 
1 'Structure model' 1 0 1997-08-20 
2 'Structure model' 1 1 2008-03-24 
3 'Structure model' 1 2 2011-07-13 
4 'Structure model' 2 0 2022-02-16 
5 'Structure model' 2 1 2024-05-22 
# 
_pdbx_audit_revision_details.ordinal             1 
_pdbx_audit_revision_details.revision_ordinal    1 
_pdbx_audit_revision_details.data_content_type   'Structure model' 
_pdbx_audit_revision_details.provider            repository 
_pdbx_audit_revision_details.type                'Initial release' 
_pdbx_audit_revision_details.description         ? 
_pdbx_audit_revision_details.details             ? 
# 
loop_
_pdbx_audit_revision_group.ordinal 
_pdbx_audit_revision_group.revision_ordinal 
_pdbx_audit_revision_group.data_content_type 
_pdbx_audit_revision_group.group 
1 2 'Structure model' 'Version format compliance' 
2 3 'Structure model' 'Version format compliance' 
3 4 'Structure model' 'Data collection'           
4 4 'Structure model' 'Database references'       
5 4 'Structure model' 'Derived calculations'      
6 4 'Structure model' Other                       
7 4 'Structure model' 'Polymer sequence'          
8 5 'Structure model' 'Data collection'           
# 
loop_
_pdbx_audit_revision_category.ordinal 
_pdbx_audit_revision_category.revision_ordinal 
_pdbx_audit_revision_category.data_content_type 
_pdbx_audit_revision_category.category 
1 4 'Structure model' database_2            
2 4 'Structure model' entity_poly           
3 4 'Structure model' pdbx_database_status  
4 4 'Structure model' pdbx_nmr_software     
5 4 'Structure model' pdbx_struct_assembly  
6 4 'Structure model' pdbx_struct_oper_list 
7 4 'Structure model' struct_conn           
8 5 'Structure model' chem_comp_atom        
9 5 'Structure model' chem_comp_bond        
# 
loop_
_pdbx_audit_revision_item.ordinal 
_pdbx_audit_revision_item.revision_ordinal 
_pdbx_audit_revision_item.data_content_type 
_pdbx_audit_revision_item.item 
1  4 'Structure model' '_database_2.pdbx_DOI'                      
2  4 'Structure model' '_database_2.pdbx_database_accession'       
3  4 'Structure model' '_entity_poly.pdbx_seq_one_letter_code'     
4  4 'Structure model' '_entity_poly.pdbx_seq_one_letter_code_can' 
5  4 'Structure model' '_pdbx_database_status.process_site'        
6  4 'Structure model' '_pdbx_nmr_software.name'                   
7  4 'Structure model' '_struct_conn.pdbx_leaving_atom_flag'       
8  4 'Structure model' '_struct_conn.ptnr1_auth_comp_id'           
9  4 'Structure model' '_struct_conn.ptnr1_auth_seq_id'            
10 4 'Structure model' '_struct_conn.ptnr1_label_atom_id'          
11 4 'Structure model' '_struct_conn.ptnr1_label_comp_id'          
12 4 'Structure model' '_struct_conn.ptnr1_label_seq_id'           
13 4 'Structure model' '_struct_conn.ptnr2_auth_comp_id'           
14 4 'Structure model' '_struct_conn.ptnr2_auth_seq_id'            
15 4 'Structure model' '_struct_conn.ptnr2_label_atom_id'          
16 4 'Structure model' '_struct_conn.ptnr2_label_comp_id'          
17 4 'Structure model' '_struct_conn.ptnr2_label_seq_id'           
# 
_pdbx_database_status.status_code                     REL 
_pdbx_database_status.entry_id                        1AGZ 
_pdbx_database_status.recvd_initial_deposition_date   1997-03-26 
_pdbx_database_status.deposit_site                    ? 
_pdbx_database_status.process_site                    BNL 
_pdbx_database_status.SG_entry                        . 
_pdbx_database_status.pdb_format_compatible           Y 
_pdbx_database_status.status_code_mr                  ? 
_pdbx_database_status.status_code_sf                  ? 
_pdbx_database_status.status_code_cs                  ? 
_pdbx_database_status.status_code_nmr_data            ? 
_pdbx_database_status.methods_development_category    ? 
# 
loop_
_pdbx_database_related.db_name 
_pdbx_database_related.db_id 
_pdbx_database_related.details 
_pdbx_database_related.content_type 
PDB 1AGK 'MINIMIZED AVERAGE STRUCTURE' unspecified 
PDB 1AGO 'MINIMIZED AVERAGE STRUCTURE' unspecified 
# 
loop_
_audit_author.name 
_audit_author.pdbx_ordinal 
'Feng, B.'    1 
'Stone, M.P.' 2 
# 
loop_
_citation.id 
_citation.title 
_citation.journal_abbrev 
_citation.journal_volume 
_citation.page_first 
_citation.page_last 
_citation.year 
_citation.journal_id_ASTM 
_citation.country 
_citation.journal_id_ISSN 
_citation.journal_id_CSD 
_citation.book_publisher 
_citation.pdbx_database_id_PubMed 
_citation.pdbx_database_id_DOI 
primary 
;Major groove (R)-alpha-(N6-adenyl)styrene oxide adducts in an oligodeoxynucleotide containing the human N-ras codon 61 sequence: conformations of the R(61,2) and R(61,3) sequence isomers from 1H NMR.
;
Biochemistry      34 14021 14036 1995 BICHAW US 0006-2960 0033 ? 7578000 10.1021/bi00043a008 
1       
;Solution Structure of an Oligodeoxynucleotide Containing the Human N-Ras Codon 61 Sequence Refined from 1H NMR Using Molecular Dynamics Restrained by Nuclear Overhauser Effects
;
Chem.Res.Toxicol. 8  821   ?     1995 CRTOEC US 0893-228X 2140 ? ?       ?                   
# 
loop_
_citation_author.citation_id 
_citation_author.name 
_citation_author.ordinal 
_citation_author.identifier_ORCID 
primary 'Feng, B.'       1 ? 
primary 'Zhou, L.'       2 ? 
primary 'Passarelli, M.' 3 ? 
primary 'Harris, C.M.'   4 ? 
primary 'Harris, T.M.'   5 ? 
primary 'Stone, M.P.'    6 ? 
1       'Feng, B.'       7 ? 
1       'Stone, M.P.'    8 ? 
# 
loop_
_entity.id 
_entity.type 
_entity.src_method 
_entity.pdbx_description 
_entity.formula_weight 
_entity.pdbx_number_of_molecules 
_entity.pdbx_ec 
_entity.pdbx_mutation 
_entity.pdbx_fragment 
_entity.details 
1 polymer syn 
;DNA (5'-D(*CP*GP*GP*AP*CP*AP*RP*GP*AP*AP*G)-3')
;
3536.411 1 ? ? ? '(R)-(N6-ADENYL)-STYRENE OXIDE-RAS61-3 DNA ADDUCT' 
2 polymer syn 
;DNA (5'-D(*CP*TP*TP*CP*TP*TP*GP*TP*CP*CP*G)-3')
;
3291.145 1 ? ? ? '(R)-(N6-ADENYL)-STYRENE OXIDE-RAS61-3 DNA ADDUCT' 
# 
loop_
_entity_poly.entity_id 
_entity_poly.type 
_entity_poly.nstd_linkage 
_entity_poly.nstd_monomer 
_entity_poly.pdbx_seq_one_letter_code 
_entity_poly.pdbx_seq_one_letter_code_can 
_entity_poly.pdbx_strand_id 
_entity_poly.pdbx_target_identifier 
1 polydeoxyribonucleotide no yes '(DC)(DG)(DG)(DA)(DC)(DA)(R)(DG)(DA)(DA)(DG)'  CGGACAAGAAG A ? 
2 polydeoxyribonucleotide no no  '(DC)(DT)(DT)(DC)(DT)(DT)(DG)(DT)(DC)(DC)(DG)' CTTCTTGTCCG B ? 
# 
loop_
_entity_poly_seq.entity_id 
_entity_poly_seq.num 
_entity_poly_seq.mon_id 
_entity_poly_seq.hetero 
1 1  DC n 
1 2  DG n 
1 3  DG n 
1 4  DA n 
1 5  DC n 
1 6  DA n 
1 7  R  n 
1 8  DG n 
1 9  DA n 
1 10 DA n 
1 11 DG n 
2 1  DC n 
2 2  DT n 
2 3  DT n 
2 4  DC n 
2 5  DT n 
2 6  DT n 
2 7  DG n 
2 8  DT n 
2 9  DC n 
2 10 DC n 
2 11 DG n 
# 
loop_
_chem_comp.id 
_chem_comp.type 
_chem_comp.mon_nstd_flag 
_chem_comp.name 
_chem_comp.pdbx_synonyms 
_chem_comp.formula 
_chem_comp.formula_weight 
DA 'DNA linking' y "2'-DEOXYADENOSINE-5'-MONOPHOSPHATE"                   ? 'C10 H14 N5 O6 P' 331.222 
DC 'DNA linking' y "2'-DEOXYCYTIDINE-5'-MONOPHOSPHATE"                    ? 'C9 H14 N3 O7 P'  307.197 
DG 'DNA linking' y "2'-DEOXYGUANOSINE-5'-MONOPHOSPHATE"                   ? 'C10 H14 N5 O7 P' 347.221 
DT 'DNA linking' y "THYMIDINE-5'-MONOPHOSPHATE"                           ? 'C10 H15 N2 O8 P' 322.208 
R  'DNA linking' n 
;2'-DEOXY-N6-(R)STYRENE OXIDE ADENOSINE MONOPHOSPHATE
;
? 'C18 H22 N5 O7 P' 451.370 
# 
loop_
_pdbx_poly_seq_scheme.asym_id 
_pdbx_poly_seq_scheme.entity_id 
_pdbx_poly_seq_scheme.seq_id 
_pdbx_poly_seq_scheme.mon_id 
_pdbx_poly_seq_scheme.ndb_seq_num 
_pdbx_poly_seq_scheme.pdb_seq_num 
_pdbx_poly_seq_scheme.auth_seq_num 
_pdbx_poly_seq_scheme.pdb_mon_id 
_pdbx_poly_seq_scheme.auth_mon_id 
_pdbx_poly_seq_scheme.pdb_strand_id 
_pdbx_poly_seq_scheme.pdb_ins_code 
_pdbx_poly_seq_scheme.hetero 
A 1 1  DC 1  1  1  DC C A . n 
A 1 2  DG 2  2  2  DG G A . n 
A 1 3  DG 3  3  3  DG G A . n 
A 1 4  DA 4  4  4  DA A A . n 
A 1 5  DC 5  5  5  DC C A . n 
A 1 6  DA 6  6  6  DA A A . n 
A 1 7  R  7  7  7  R  R A . n 
A 1 8  DG 8  8  8  DG G A . n 
A 1 9  DA 9  9  9  DA A A . n 
A 1 10 DA 10 10 10 DA A A . n 
A 1 11 DG 11 11 11 DG G A . n 
B 2 1  DC 1  12 12 DC C B . n 
B 2 2  DT 2  13 13 DT T B . n 
B 2 3  DT 3  14 14 DT T B . n 
B 2 4  DC 4  15 15 DC C B . n 
B 2 5  DT 5  16 16 DT T B . n 
B 2 6  DT 6  17 17 DT T B . n 
B 2 7  DG 7  18 18 DG G B . n 
B 2 8  DT 8  19 19 DT T B . n 
B 2 9  DC 9  20 20 DC C B . n 
B 2 10 DC 10 21 21 DC C B . n 
B 2 11 DG 11 22 22 DG G B . n 
# 
loop_
_software.name 
_software.classification 
_software.version 
_software.citation_id 
_software.pdbx_ordinal 
X-PLOR 'model building' 3.1 ? 1 
X-PLOR refinement       3.1 ? 2 
X-PLOR phasing          3.1 ? 3 
# 
_cell.entry_id           1AGZ 
_cell.length_a           1.000 
_cell.length_b           1.000 
_cell.length_c           1.000 
_cell.angle_alpha        90.00 
_cell.angle_beta         90.00 
_cell.angle_gamma        90.00 
_cell.Z_PDB              1 
_cell.pdbx_unique_axis   ? 
# 
_symmetry.entry_id                         1AGZ 
_symmetry.space_group_name_H-M             'P 1' 
_symmetry.pdbx_full_space_group_name_H-M   ? 
_symmetry.cell_setting                     ? 
_symmetry.Int_Tables_number                1 
# 
_exptl.entry_id          1AGZ 
_exptl.method            'SOLUTION NMR' 
_exptl.crystals_number   ? 
# 
_struct.entry_id                  1AGZ 
_struct.title                     
;THE SOLUTION NMR STRUCTURE OF AN (R)-A-(N6-ADENYL)-STYRENE OXIDE-RAS61 OLIGODEOXYNUCLEOTIDE MODIFIED AT THE THIRD POSITION OF THE CODON 61 REGION, MINIMIZED AVERAGE STRUCTURE
;
_struct.pdbx_model_details        ? 
_struct.pdbx_CASP_flag            ? 
_struct.pdbx_model_type_details   ? 
# 
_struct_keywords.entry_id        1AGZ 
_struct_keywords.pdbx_keywords   DNA 
_struct_keywords.text            
;DNA DUPLEX, B-DNA, HUMAN N-RAS GENE, CODON 61 SEQUENCE, R-STYRENE OXIDE ADDUCT, N6-ADENINE, MAJOR GROOVE, DEOXYRIBONUCLEIC ACID, DNA
;
# 
loop_
_struct_asym.id 
_struct_asym.pdbx_blank_PDB_chainid_flag 
_struct_asym.pdbx_modified 
_struct_asym.entity_id 
_struct_asym.details 
A N N 1 ? 
B N N 2 ? 
# 
loop_
_struct_ref.id 
_struct_ref.entity_id 
_struct_ref.db_name 
_struct_ref.db_code 
_struct_ref.pdbx_db_accession 
_struct_ref.pdbx_db_isoform 
_struct_ref.pdbx_seq_one_letter_code 
_struct_ref.pdbx_align_begin 
1 1 PDB 1AGZ 1AGZ ? ? ? 
2 2 PDB 1AGZ 1AGZ ? ? ? 
# 
loop_
_struct_ref_seq.align_id 
_struct_ref_seq.ref_id 
_struct_ref_seq.pdbx_PDB_id_code 
_struct_ref_seq.pdbx_strand_id 
_struct_ref_seq.seq_align_beg 
_struct_ref_seq.pdbx_seq_align_beg_ins_code 
_struct_ref_seq.seq_align_end 
_struct_ref_seq.pdbx_seq_align_end_ins_code 
_struct_ref_seq.pdbx_db_accession 
_struct_ref_seq.db_align_beg 
_struct_ref_seq.pdbx_db_align_beg_ins_code 
_struct_ref_seq.db_align_end 
_struct_ref_seq.pdbx_db_align_end_ins_code 
_struct_ref_seq.pdbx_auth_seq_align_beg 
_struct_ref_seq.pdbx_auth_seq_align_end 
1 1 1AGZ A 1 ? 11 ? 1AGZ 1  ? 11 ? 1  11 
2 2 1AGZ B 1 ? 11 ? 1AGZ 12 ? 22 ? 12 22 
# 
_pdbx_struct_assembly.id                   1 
_pdbx_struct_assembly.details              author_defined_assembly 
_pdbx_struct_assembly.method_details       ? 
_pdbx_struct_assembly.oligomeric_details   dimeric 
_pdbx_struct_assembly.oligomeric_count     2 
# 
_pdbx_struct_assembly_gen.assembly_id       1 
_pdbx_struct_assembly_gen.oper_expression   1 
_pdbx_struct_assembly_gen.asym_id_list      A,B 
# 
_pdbx_struct_oper_list.id                   1 
_pdbx_struct_oper_list.type                 'identity operation' 
_pdbx_struct_oper_list.name                 1_555 
_pdbx_struct_oper_list.symmetry_operation   x,y,z 
_pdbx_struct_oper_list.matrix[1][1]         1.0000000000 
_pdbx_struct_oper_list.matrix[1][2]         0.0000000000 
_pdbx_struct_oper_list.matrix[1][3]         0.0000000000 
_pdbx_struct_oper_list.vector[1]            0.0000000000 
_pdbx_struct_oper_list.matrix[2][1]         0.0000000000 
_pdbx_struct_oper_list.matrix[2][2]         1.0000000000 
_pdbx_struct_oper_list.matrix[2][3]         0.0000000000 
_pdbx_struct_oper_list.vector[2]            0.0000000000 
_pdbx_struct_oper_list.matrix[3][1]         0.0000000000 
_pdbx_struct_oper_list.matrix[3][2]         0.0000000000 
_pdbx_struct_oper_list.matrix[3][3]         1.0000000000 
_pdbx_struct_oper_list.vector[3]            0.0000000000 
# 
_struct_biol.id   1 
# 
loop_
_struct_conn.id 
_struct_conn.conn_type_id 
_struct_conn.pdbx_leaving_atom_flag 
_struct_conn.pdbx_PDB_id 
_struct_conn.ptnr1_label_asym_id 
_struct_conn.ptnr1_label_comp_id 
_struct_conn.ptnr1_label_seq_id 
_struct_conn.ptnr1_label_atom_id 
_struct_conn.pdbx_ptnr1_label_alt_id 
_struct_conn.pdbx_ptnr1_PDB_ins_code 
_struct_conn.pdbx_ptnr1_standard_comp_id 
_struct_conn.ptnr1_symmetry 
_struct_conn.ptnr2_label_asym_id 
_struct_conn.ptnr2_label_comp_id 
_struct_conn.ptnr2_label_seq_id 
_struct_conn.ptnr2_label_atom_id 
_struct_conn.pdbx_ptnr2_label_alt_id 
_struct_conn.pdbx_ptnr2_PDB_ins_code 
_struct_conn.ptnr1_auth_asym_id 
_struct_conn.ptnr1_auth_comp_id 
_struct_conn.ptnr1_auth_seq_id 
_struct_conn.ptnr2_auth_asym_id 
_struct_conn.ptnr2_auth_comp_id 
_struct_conn.ptnr2_auth_seq_id 
_struct_conn.ptnr2_symmetry 
_struct_conn.pdbx_ptnr3_label_atom_id 
_struct_conn.pdbx_ptnr3_label_seq_id 
_struct_conn.pdbx_ptnr3_label_comp_id 
_struct_conn.pdbx_ptnr3_label_asym_id 
_struct_conn.pdbx_ptnr3_label_alt_id 
_struct_conn.pdbx_ptnr3_PDB_ins_code 
_struct_conn.details 
_struct_conn.pdbx_dist_value 
_struct_conn.pdbx_value_order 
_struct_conn.pdbx_role 
covale1  covale both ? A DA 6  "O3'" ? ? ? 1_555 A R  7  P  ? ? A DA 6  A R  7  1_555 ? ? ? ? ? ? ?            1.608 ? ? 
covale2  covale both ? A R  7  "O3'" ? ? ? 1_555 A DG 8  P  ? ? A R  7  A DG 8  1_555 ? ? ? ? ? ? ?            1.604 ? ? 
hydrog1  hydrog ?    ? A DC 1  N3    ? ? ? 1_555 B DG 11 N1 ? ? A DC 1  B DG 22 1_555 ? ? ? ? ? ? WATSON-CRICK ?     ? ? 
hydrog2  hydrog ?    ? A DC 1  N4    ? ? ? 1_555 B DG 11 O6 ? ? A DC 1  B DG 22 1_555 ? ? ? ? ? ? WATSON-CRICK ?     ? ? 
hydrog3  hydrog ?    ? A DC 1  O2    ? ? ? 1_555 B DG 11 N2 ? ? A DC 1  B DG 22 1_555 ? ? ? ? ? ? WATSON-CRICK ?     ? ? 
hydrog4  hydrog ?    ? A DG 2  N1    ? ? ? 1_555 B DC 10 N3 ? ? A DG 2  B DC 21 1_555 ? ? ? ? ? ? WATSON-CRICK ?     ? ? 
hydrog5  hydrog ?    ? A DG 2  N2    ? ? ? 1_555 B DC 10 O2 ? ? A DG 2  B DC 21 1_555 ? ? ? ? ? ? WATSON-CRICK ?     ? ? 
hydrog6  hydrog ?    ? A DG 2  O6    ? ? ? 1_555 B DC 10 N4 ? ? A DG 2  B DC 21 1_555 ? ? ? ? ? ? WATSON-CRICK ?     ? ? 
hydrog7  hydrog ?    ? A DG 3  N1    ? ? ? 1_555 B DC 9  N3 ? ? A DG 3  B DC 20 1_555 ? ? ? ? ? ? WATSON-CRICK ?     ? ? 
hydrog8  hydrog ?    ? A DG 3  N2    ? ? ? 1_555 B DC 9  O2 ? ? A DG 3  B DC 20 1_555 ? ? ? ? ? ? WATSON-CRICK ?     ? ? 
hydrog9  hydrog ?    ? A DG 3  O6    ? ? ? 1_555 B DC 9  N4 ? ? A DG 3  B DC 20 1_555 ? ? ? ? ? ? WATSON-CRICK ?     ? ? 
hydrog10 hydrog ?    ? A DA 4  N1    ? ? ? 1_555 B DT 8  N3 ? ? A DA 4  B DT 19 1_555 ? ? ? ? ? ? WATSON-CRICK ?     ? ? 
hydrog11 hydrog ?    ? A DA 4  N6    ? ? ? 1_555 B DT 8  O4 ? ? A DA 4  B DT 19 1_555 ? ? ? ? ? ? WATSON-CRICK ?     ? ? 
hydrog12 hydrog ?    ? A DC 5  N3    ? ? ? 1_555 B DG 7  N1 ? ? A DC 5  B DG 18 1_555 ? ? ? ? ? ? WATSON-CRICK ?     ? ? 
hydrog13 hydrog ?    ? A DC 5  N4    ? ? ? 1_555 B DG 7  O6 ? ? A DC 5  B DG 18 1_555 ? ? ? ? ? ? WATSON-CRICK ?     ? ? 
hydrog14 hydrog ?    ? A DC 5  O2    ? ? ? 1_555 B DG 7  N2 ? ? A DC 5  B DG 18 1_555 ? ? ? ? ? ? WATSON-CRICK ?     ? ? 
hydrog15 hydrog ?    ? A DA 6  N1    ? ? ? 1_555 B DT 6  N3 ? ? A DA 6  B DT 17 1_555 ? ? ? ? ? ? WATSON-CRICK ?     ? ? 
hydrog16 hydrog ?    ? A DA 6  N6    ? ? ? 1_555 B DT 6  O4 ? ? A DA 6  B DT 17 1_555 ? ? ? ? ? ? WATSON-CRICK ?     ? ? 
hydrog17 hydrog ?    ? A R  7  N1    ? ? ? 1_555 B DT 5  N3 ? ? A R  7  B DT 16 1_555 ? ? ? ? ? ? WATSON-CRICK ?     ? ? 
hydrog18 hydrog ?    ? A R  7  N6    ? ? ? 1_555 B DT 5  O4 ? ? A R  7  B DT 16 1_555 ? ? ? ? ? ? WATSON-CRICK ?     ? ? 
hydrog19 hydrog ?    ? A DG 8  N1    ? ? ? 1_555 B DC 4  N3 ? ? A DG 8  B DC 15 1_555 ? ? ? ? ? ? WATSON-CRICK ?     ? ? 
hydrog20 hydrog ?    ? A DG 8  N2    ? ? ? 1_555 B DC 4  O2 ? ? A DG 8  B DC 15 1_555 ? ? ? ? ? ? WATSON-CRICK ?     ? ? 
hydrog21 hydrog ?    ? A DG 8  O6    ? ? ? 1_555 B DC 4  N4 ? ? A DG 8  B DC 15 1_555 ? ? ? ? ? ? WATSON-CRICK ?     ? ? 
hydrog22 hydrog ?    ? A DA 9  N1    ? ? ? 1_555 B DT 3  N3 ? ? A DA 9  B DT 14 1_555 ? ? ? ? ? ? WATSON-CRICK ?     ? ? 
hydrog23 hydrog ?    ? A DA 9  N6    ? ? ? 1_555 B DT 3  O4 ? ? A DA 9  B DT 14 1_555 ? ? ? ? ? ? WATSON-CRICK ?     ? ? 
hydrog24 hydrog ?    ? A DA 10 N1    ? ? ? 1_555 B DT 2  N3 ? ? A DA 10 B DT 13 1_555 ? ? ? ? ? ? WATSON-CRICK ?     ? ? 
hydrog25 hydrog ?    ? A DA 10 N6    ? ? ? 1_555 B DT 2  O4 ? ? A DA 10 B DT 13 1_555 ? ? ? ? ? ? WATSON-CRICK ?     ? ? 
hydrog26 hydrog ?    ? A DG 11 N1    ? ? ? 1_555 B DC 1  N3 ? ? A DG 11 B DC 12 1_555 ? ? ? ? ? ? WATSON-CRICK ?     ? ? 
hydrog27 hydrog ?    ? A DG 11 N2    ? ? ? 1_555 B DC 1  O2 ? ? A DG 11 B DC 12 1_555 ? ? ? ? ? ? WATSON-CRICK ?     ? ? 
hydrog28 hydrog ?    ? A DG 11 O6    ? ? ? 1_555 B DC 1  N4 ? ? A DG 11 B DC 12 1_555 ? ? ? ? ? ? WATSON-CRICK ?     ? ? 
# 
loop_
_struct_conn_type.id 
_struct_conn_type.criteria 
_struct_conn_type.reference 
covale ? ? 
hydrog ? ? 
# 
loop_
_pdbx_validate_rmsd_angle.id 
_pdbx_validate_rmsd_angle.PDB_model_num 
_pdbx_validate_rmsd_angle.auth_atom_id_1 
_pdbx_validate_rmsd_angle.auth_asym_id_1 
_pdbx_validate_rmsd_angle.auth_comp_id_1 
_pdbx_validate_rmsd_angle.auth_seq_id_1 
_pdbx_validate_rmsd_angle.PDB_ins_code_1 
_pdbx_validate_rmsd_angle.label_alt_id_1 
_pdbx_validate_rmsd_angle.auth_atom_id_2 
_pdbx_validate_rmsd_angle.auth_asym_id_2 
_pdbx_validate_rmsd_angle.auth_comp_id_2 
_pdbx_validate_rmsd_angle.auth_seq_id_2 
_pdbx_validate_rmsd_angle.PDB_ins_code_2 
_pdbx_validate_rmsd_angle.label_alt_id_2 
_pdbx_validate_rmsd_angle.auth_atom_id_3 
_pdbx_validate_rmsd_angle.auth_asym_id_3 
_pdbx_validate_rmsd_angle.auth_comp_id_3 
_pdbx_validate_rmsd_angle.auth_seq_id_3 
_pdbx_validate_rmsd_angle.PDB_ins_code_3 
_pdbx_validate_rmsd_angle.label_alt_id_3 
_pdbx_validate_rmsd_angle.angle_value 
_pdbx_validate_rmsd_angle.angle_target_value 
_pdbx_validate_rmsd_angle.angle_deviation 
_pdbx_validate_rmsd_angle.angle_standard_deviation 
_pdbx_validate_rmsd_angle.linker_flag 
1  1 "O4'" A DC 1  ? ? "C1'" A DC 1  ? ? N1    A DC 1  ? ? 111.23 108.30 2.93   0.30 N 
2  1 "O4'" A DG 2  ? ? "C1'" A DG 2  ? ? N9    A DG 2  ? ? 111.13 108.30 2.83   0.30 N 
3  1 N7    A DG 2  ? ? C8    A DG 2  ? ? N9    A DG 2  ? ? 117.56 113.10 4.46   0.50 N 
4  1 C8    A DG 2  ? ? N9    A DG 2  ? ? C4    A DG 2  ? ? 103.83 106.40 -2.57  0.40 N 
5  1 "O4'" A DG 3  ? ? "C1'" A DG 3  ? ? N9    A DG 3  ? ? 111.52 108.30 3.22   0.30 N 
6  1 N7    A DG 3  ? ? C8    A DG 3  ? ? N9    A DG 3  ? ? 117.52 113.10 4.42   0.50 N 
7  1 C8    A DG 3  ? ? N9    A DG 3  ? ? C4    A DG 3  ? ? 103.69 106.40 -2.71  0.40 N 
8  1 "O4'" A DA 4  ? ? "C1'" A DA 4  ? ? N9    A DA 4  ? ? 111.00 108.30 2.70   0.30 N 
9  1 N7    A DA 4  ? ? C8    A DA 4  ? ? N9    A DA 4  ? ? 117.43 113.80 3.63   0.50 N 
10 1 "O4'" A DC 5  ? ? "C1'" A DC 5  ? ? N1    A DC 5  ? ? 111.29 108.30 2.99   0.30 N 
11 1 "O4'" A DA 6  ? ? "C1'" A DA 6  ? ? N9    A DA 6  ? ? 110.30 108.30 2.00   0.30 N 
12 1 N7    A DA 6  ? ? C8    A DA 6  ? ? N9    A DA 6  ? ? 117.58 113.80 3.78   0.50 N 
13 1 "O4'" A DG 8  ? ? "C1'" A DG 8  ? ? N9    A DG 8  ? ? 110.86 108.30 2.56   0.30 N 
14 1 N7    A DG 8  ? ? C8    A DG 8  ? ? N9    A DG 8  ? ? 117.49 113.10 4.39   0.50 N 
15 1 C8    A DG 8  ? ? N9    A DG 8  ? ? C4    A DG 8  ? ? 103.53 106.40 -2.87  0.40 N 
16 1 "O4'" A DA 9  ? ? "C1'" A DA 9  ? ? N9    A DA 9  ? ? 111.71 108.30 3.41   0.30 N 
17 1 N7    A DA 9  ? ? C8    A DA 9  ? ? N9    A DA 9  ? ? 117.46 113.80 3.66   0.50 N 
18 1 "O4'" A DA 10 ? ? "C1'" A DA 10 ? ? N9    A DA 10 ? ? 111.84 108.30 3.54   0.30 N 
19 1 N7    A DA 10 ? ? C8    A DA 10 ? ? N9    A DA 10 ? ? 117.45 113.80 3.65   0.50 N 
20 1 "O4'" A DG 11 ? ? "C1'" A DG 11 ? ? N9    A DG 11 ? ? 111.47 108.30 3.17   0.30 N 
21 1 N7    A DG 11 ? ? C8    A DG 11 ? ? N9    A DG 11 ? ? 117.52 113.10 4.42   0.50 N 
22 1 C8    A DG 11 ? ? N9    A DG 11 ? ? C4    A DG 11 ? ? 103.78 106.40 -2.62  0.40 N 
23 1 "O4'" B DC 12 ? ? "C1'" B DC 12 ? ? N1    B DC 12 ? ? 111.59 108.30 3.29   0.30 N 
24 1 "O3'" B DC 12 ? ? P     B DT 13 ? ? "O5'" B DT 13 ? ? 67.20  104.00 -36.80 1.90 Y 
25 1 "O3'" B DC 12 ? ? P     B DT 13 ? ? OP1   B DT 13 ? ? 137.77 110.50 27.27  1.10 Y 
26 1 OP1   B DT 13 ? ? P     B DT 13 ? ? OP2   B DT 13 ? ? 106.19 119.60 -13.41 1.50 N 
27 1 "O5'" B DT 13 ? ? P     B DT 13 ? ? OP1   B DT 13 ? ? 70.90  105.70 -34.80 0.90 N 
28 1 "O5'" B DT 13 ? ? P     B DT 13 ? ? OP2   B DT 13 ? ? 122.96 110.70 12.26  1.20 N 
29 1 "O4'" B DT 13 ? ? "C1'" B DT 13 ? ? N1    B DT 13 ? ? 111.21 108.30 2.91   0.30 N 
30 1 C6    B DT 13 ? ? C5    B DT 13 ? ? C7    B DT 13 ? ? 118.81 122.90 -4.09  0.60 N 
31 1 "O4'" B DT 14 ? ? "C1'" B DT 14 ? ? N1    B DT 14 ? ? 111.47 108.30 3.17   0.30 N 
32 1 C6    B DT 14 ? ? C5    B DT 14 ? ? C7    B DT 14 ? ? 119.18 122.90 -3.72  0.60 N 
33 1 "O4'" B DC 15 ? ? "C1'" B DC 15 ? ? N1    B DC 15 ? ? 110.49 108.30 2.19   0.30 N 
34 1 "O4'" B DT 16 ? ? "C1'" B DT 16 ? ? N1    B DT 16 ? ? 111.85 108.30 3.55   0.30 N 
35 1 C6    B DT 16 ? ? C5    B DT 16 ? ? C7    B DT 16 ? ? 119.17 122.90 -3.73  0.60 N 
36 1 "O4'" B DT 17 ? ? "C1'" B DT 17 ? ? N1    B DT 17 ? ? 111.08 108.30 2.78   0.30 N 
37 1 C6    B DT 17 ? ? C5    B DT 17 ? ? C7    B DT 17 ? ? 119.23 122.90 -3.67  0.60 N 
38 1 "O4'" B DG 18 ? ? "C1'" B DG 18 ? ? N9    B DG 18 ? ? 111.85 108.30 3.55   0.30 N 
39 1 N7    B DG 18 ? ? C8    B DG 18 ? ? N9    B DG 18 ? ? 117.34 113.10 4.24   0.50 N 
40 1 C8    B DG 18 ? ? N9    B DG 18 ? ? C4    B DG 18 ? ? 103.88 106.40 -2.52  0.40 N 
41 1 "O4'" B DT 19 ? ? "C1'" B DT 19 ? ? N1    B DT 19 ? ? 111.50 108.30 3.20   0.30 N 
42 1 "O4'" B DC 20 ? ? "C1'" B DC 20 ? ? N1    B DC 20 ? ? 111.21 108.30 2.91   0.30 N 
43 1 "O4'" B DC 21 ? ? "C1'" B DC 21 ? ? N1    B DC 21 ? ? 111.00 108.30 2.70   0.30 N 
44 1 "O4'" B DG 22 ? ? "C1'" B DG 22 ? ? N9    B DG 22 ? ? 111.58 108.30 3.28   0.30 N 
45 1 N7    B DG 22 ? ? C8    B DG 22 ? ? N9    B DG 22 ? ? 117.47 113.10 4.37   0.50 N 
46 1 C8    B DG 22 ? ? N9    B DG 22 ? ? C4    B DG 22 ? ? 103.86 106.40 -2.54  0.40 N 
# 
_pdbx_struct_mod_residue.id               1 
_pdbx_struct_mod_residue.label_asym_id    A 
_pdbx_struct_mod_residue.label_comp_id    R 
_pdbx_struct_mod_residue.label_seq_id     7 
_pdbx_struct_mod_residue.auth_asym_id     A 
_pdbx_struct_mod_residue.auth_comp_id     R 
_pdbx_struct_mod_residue.auth_seq_id      7 
_pdbx_struct_mod_residue.PDB_ins_code     ? 
_pdbx_struct_mod_residue.parent_comp_id   DA 
_pdbx_struct_mod_residue.details          ? 
# 
_pdbx_nmr_ensemble.entry_id                             1AGZ 
_pdbx_nmr_ensemble.conformers_calculated_total_number   1 
_pdbx_nmr_ensemble.conformers_submitted_total_number    1 
_pdbx_nmr_ensemble.conformer_selection_criteria         
'THIS STRUCTURE PROVIDED THE BEST-FIT FOR THE NOE DATA BASED ON THE RELAXATION MATRIX ANALYSIS USING CORMA' 
# 
_pdbx_nmr_exptl_sample_conditions.conditions_id       1 
_pdbx_nmr_exptl_sample_conditions.temperature         293 
_pdbx_nmr_exptl_sample_conditions.pressure            ? 
_pdbx_nmr_exptl_sample_conditions.pH                  6.9 
_pdbx_nmr_exptl_sample_conditions.ionic_strength      ? 
_pdbx_nmr_exptl_sample_conditions.pressure_units      . 
_pdbx_nmr_exptl_sample_conditions.temperature_units   K 
# 
loop_
_pdbx_nmr_exptl.experiment_id 
_pdbx_nmr_exptl.conditions_id 
_pdbx_nmr_exptl.type 
_pdbx_nmr_exptl.solution_id 
1 1 NOESY       1 
2 1 2QF-COSY    1 
3 1 'AND TOCSY' 1 
4 1 ': NOESY'   1 
5 1 2QF-COSY    1 
6 1 'AND(DO'    1 
7 1 "05'-D"     1 
# 
_pdbx_nmr_refine.entry_id           1AGZ 
_pdbx_nmr_refine.method             'NOE-RESTRAINED MOLECULAR DYNAMICS/SIMULATED ANNEALING' 
_pdbx_nmr_refine.details            'REFINEMENT DETAILS CAN BE FOUND IN THE JRNL CITATION ABOVE.' 
_pdbx_nmr_refine.software_ordinal   1 
# 
loop_
_pdbx_nmr_software.classification 
_pdbx_nmr_software.name 
_pdbx_nmr_software.version 
_pdbx_nmr_software.authors 
_pdbx_nmr_software.ordinal 
refinement           X-PLOR    3.1 BRUNGER 1 
'structure solution' Felix     ?   ?       2 
'structure solution' X-PLOR    ?   ?       3 
'structure solution' MARDIGRAS ?   ?       4 
'structure solution' CORMA     ?   ?       5 
# 
loop_
_chem_comp_atom.comp_id 
_chem_comp_atom.atom_id 
_chem_comp_atom.type_symbol 
_chem_comp_atom.pdbx_aromatic_flag 
_chem_comp_atom.pdbx_stereo_config 
_chem_comp_atom.pdbx_ordinal 
DA OP3    O N N 1   
DA P      P N N 2   
DA OP1    O N N 3   
DA OP2    O N N 4   
DA "O5'"  O N N 5   
DA "C5'"  C N N 6   
DA "C4'"  C N R 7   
DA "O4'"  O N N 8   
DA "C3'"  C N S 9   
DA "O3'"  O N N 10  
DA "C2'"  C N N 11  
DA "C1'"  C N R 12  
DA N9     N Y N 13  
DA C8     C Y N 14  
DA N7     N Y N 15  
DA C5     C Y N 16  
DA C6     C Y N 17  
DA N6     N N N 18  
DA N1     N Y N 19  
DA C2     C Y N 20  
DA N3     N Y N 21  
DA C4     C Y N 22  
DA HOP3   H N N 23  
DA HOP2   H N N 24  
DA "H5'"  H N N 25  
DA "H5''" H N N 26  
DA "H4'"  H N N 27  
DA "H3'"  H N N 28  
DA "HO3'" H N N 29  
DA "H2'"  H N N 30  
DA "H2''" H N N 31  
DA "H1'"  H N N 32  
DA H8     H N N 33  
DA H61    H N N 34  
DA H62    H N N 35  
DA H2     H N N 36  
DC OP3    O N N 37  
DC P      P N N 38  
DC OP1    O N N 39  
DC OP2    O N N 40  
DC "O5'"  O N N 41  
DC "C5'"  C N N 42  
DC "C4'"  C N R 43  
DC "O4'"  O N N 44  
DC "C3'"  C N S 45  
DC "O3'"  O N N 46  
DC "C2'"  C N N 47  
DC "C1'"  C N R 48  
DC N1     N N N 49  
DC C2     C N N 50  
DC O2     O N N 51  
DC N3     N N N 52  
DC C4     C N N 53  
DC N4     N N N 54  
DC C5     C N N 55  
DC C6     C N N 56  
DC HOP3   H N N 57  
DC HOP2   H N N 58  
DC "H5'"  H N N 59  
DC "H5''" H N N 60  
DC "H4'"  H N N 61  
DC "H3'"  H N N 62  
DC "HO3'" H N N 63  
DC "H2'"  H N N 64  
DC "H2''" H N N 65  
DC "H1'"  H N N 66  
DC H41    H N N 67  
DC H42    H N N 68  
DC H5     H N N 69  
DC H6     H N N 70  
DG OP3    O N N 71  
DG P      P N N 72  
DG OP1    O N N 73  
DG OP2    O N N 74  
DG "O5'"  O N N 75  
DG "C5'"  C N N 76  
DG "C4'"  C N R 77  
DG "O4'"  O N N 78  
DG "C3'"  C N S 79  
DG "O3'"  O N N 80  
DG "C2'"  C N N 81  
DG "C1'"  C N R 82  
DG N9     N Y N 83  
DG C8     C Y N 84  
DG N7     N Y N 85  
DG C5     C Y N 86  
DG C6     C N N 87  
DG O6     O N N 88  
DG N1     N N N 89  
DG C2     C N N 90  
DG N2     N N N 91  
DG N3     N N N 92  
DG C4     C Y N 93  
DG HOP3   H N N 94  
DG HOP2   H N N 95  
DG "H5'"  H N N 96  
DG "H5''" H N N 97  
DG "H4'"  H N N 98  
DG "H3'"  H N N 99  
DG "HO3'" H N N 100 
DG "H2'"  H N N 101 
DG "H2''" H N N 102 
DG "H1'"  H N N 103 
DG H8     H N N 104 
DG H1     H N N 105 
DG H21    H N N 106 
DG H22    H N N 107 
DT OP3    O N N 108 
DT P      P N N 109 
DT OP1    O N N 110 
DT OP2    O N N 111 
DT "O5'"  O N N 112 
DT "C5'"  C N N 113 
DT "C4'"  C N R 114 
DT "O4'"  O N N 115 
DT "C3'"  C N S 116 
DT "O3'"  O N N 117 
DT "C2'"  C N N 118 
DT "C1'"  C N R 119 
DT N1     N N N 120 
DT C2     C N N 121 
DT O2     O N N 122 
DT N3     N N N 123 
DT C4     C N N 124 
DT O4     O N N 125 
DT C5     C N N 126 
DT C7     C N N 127 
DT C6     C N N 128 
DT HOP3   H N N 129 
DT HOP2   H N N 130 
DT "H5'"  H N N 131 
DT "H5''" H N N 132 
DT "H4'"  H N N 133 
DT "H3'"  H N N 134 
DT "HO3'" H N N 135 
DT "H2'"  H N N 136 
DT "H2''" H N N 137 
DT "H1'"  H N N 138 
DT H3     H N N 139 
DT H71    H N N 140 
DT H72    H N N 141 
DT H73    H N N 142 
DT H6     H N N 143 
R  P      P N N 144 
R  OP1    O N N 145 
R  OP2    O N N 146 
R  OP3    O N N 147 
R  "O5'"  O N N 148 
R  "C5'"  C N N 149 
R  "C4'"  C N R 150 
R  "O4'"  O N N 151 
R  "C3'"  C N S 152 
R  "O3'"  O N N 153 
R  "C2'"  C N N 154 
R  "C1'"  C N R 155 
R  N9     N Y N 156 
R  C8     C Y N 157 
R  N7     N Y N 158 
R  C5     C Y N 159 
R  C6     C Y N 160 
R  N6     N N N 161 
R  N1     N Y N 162 
R  C2     C Y N 163 
R  N3     N Y N 164 
R  C4     C Y N 165 
R  CA     C N R 166 
R  CB     C N N 167 
R  OB     O N N 168 
R  CJ     C Y N 169 
R  CO     C Y N 170 
R  "CO'"  C Y N 171 
R  CM     C Y N 172 
R  "CM'"  C Y N 173 
R  CP     C Y N 174 
R  HOP2   H N N 175 
R  HOP3   H N N 176 
R  "H5'"  H N N 177 
R  "H5''" H N N 178 
R  "H4'"  H N N 179 
R  "H3'"  H N N 180 
R  "HO3'" H N N 181 
R  "H2'"  H N N 182 
R  "H2''" H N N 183 
R  "H1'"  H N N 184 
R  H8     H N N 185 
R  H6     H N N 186 
R  H2     H N N 187 
R  HA     H N N 188 
R  HB1    H N N 189 
R  HB2    H N N 190 
R  HB     H N N 191 
R  HO     H N N 192 
R  "HO'"  H N N 193 
R  HM     H N N 194 
R  "HM'"  H N N 195 
R  HP     H N N 196 
# 
loop_
_chem_comp_bond.comp_id 
_chem_comp_bond.atom_id_1 
_chem_comp_bond.atom_id_2 
_chem_comp_bond.value_order 
_chem_comp_bond.pdbx_aromatic_flag 
_chem_comp_bond.pdbx_stereo_config 
_chem_comp_bond.pdbx_ordinal 
DA OP3   P      sing N N 1   
DA OP3   HOP3   sing N N 2   
DA P     OP1    doub N N 3   
DA P     OP2    sing N N 4   
DA P     "O5'"  sing N N 5   
DA OP2   HOP2   sing N N 6   
DA "O5'" "C5'"  sing N N 7   
DA "C5'" "C4'"  sing N N 8   
DA "C5'" "H5'"  sing N N 9   
DA "C5'" "H5''" sing N N 10  
DA "C4'" "O4'"  sing N N 11  
DA "C4'" "C3'"  sing N N 12  
DA "C4'" "H4'"  sing N N 13  
DA "O4'" "C1'"  sing N N 14  
DA "C3'" "O3'"  sing N N 15  
DA "C3'" "C2'"  sing N N 16  
DA "C3'" "H3'"  sing N N 17  
DA "O3'" "HO3'" sing N N 18  
DA "C2'" "C1'"  sing N N 19  
DA "C2'" "H2'"  sing N N 20  
DA "C2'" "H2''" sing N N 21  
DA "C1'" N9     sing N N 22  
DA "C1'" "H1'"  sing N N 23  
DA N9    C8     sing Y N 24  
DA N9    C4     sing Y N 25  
DA C8    N7     doub Y N 26  
DA C8    H8     sing N N 27  
DA N7    C5     sing Y N 28  
DA C5    C6     sing Y N 29  
DA C5    C4     doub Y N 30  
DA C6    N6     sing N N 31  
DA C6    N1     doub Y N 32  
DA N6    H61    sing N N 33  
DA N6    H62    sing N N 34  
DA N1    C2     sing Y N 35  
DA C2    N3     doub Y N 36  
DA C2    H2     sing N N 37  
DA N3    C4     sing Y N 38  
DC OP3   P      sing N N 39  
DC OP3   HOP3   sing N N 40  
DC P     OP1    doub N N 41  
DC P     OP2    sing N N 42  
DC P     "O5'"  sing N N 43  
DC OP2   HOP2   sing N N 44  
DC "O5'" "C5'"  sing N N 45  
DC "C5'" "C4'"  sing N N 46  
DC "C5'" "H5'"  sing N N 47  
DC "C5'" "H5''" sing N N 48  
DC "C4'" "O4'"  sing N N 49  
DC "C4'" "C3'"  sing N N 50  
DC "C4'" "H4'"  sing N N 51  
DC "O4'" "C1'"  sing N N 52  
DC "C3'" "O3'"  sing N N 53  
DC "C3'" "C2'"  sing N N 54  
DC "C3'" "H3'"  sing N N 55  
DC "O3'" "HO3'" sing N N 56  
DC "C2'" "C1'"  sing N N 57  
DC "C2'" "H2'"  sing N N 58  
DC "C2'" "H2''" sing N N 59  
DC "C1'" N1     sing N N 60  
DC "C1'" "H1'"  sing N N 61  
DC N1    C2     sing N N 62  
DC N1    C6     sing N N 63  
DC C2    O2     doub N N 64  
DC C2    N3     sing N N 65  
DC N3    C4     doub N N 66  
DC C4    N4     sing N N 67  
DC C4    C5     sing N N 68  
DC N4    H41    sing N N 69  
DC N4    H42    sing N N 70  
DC C5    C6     doub N N 71  
DC C5    H5     sing N N 72  
DC C6    H6     sing N N 73  
DG OP3   P      sing N N 74  
DG OP3   HOP3   sing N N 75  
DG P     OP1    doub N N 76  
DG P     OP2    sing N N 77  
DG P     "O5'"  sing N N 78  
DG OP2   HOP2   sing N N 79  
DG "O5'" "C5'"  sing N N 80  
DG "C5'" "C4'"  sing N N 81  
DG "C5'" "H5'"  sing N N 82  
DG "C5'" "H5''" sing N N 83  
DG "C4'" "O4'"  sing N N 84  
DG "C4'" "C3'"  sing N N 85  
DG "C4'" "H4'"  sing N N 86  
DG "O4'" "C1'"  sing N N 87  
DG "C3'" "O3'"  sing N N 88  
DG "C3'" "C2'"  sing N N 89  
DG "C3'" "H3'"  sing N N 90  
DG "O3'" "HO3'" sing N N 91  
DG "C2'" "C1'"  sing N N 92  
DG "C2'" "H2'"  sing N N 93  
DG "C2'" "H2''" sing N N 94  
DG "C1'" N9     sing N N 95  
DG "C1'" "H1'"  sing N N 96  
DG N9    C8     sing Y N 97  
DG N9    C4     sing Y N 98  
DG C8    N7     doub Y N 99  
DG C8    H8     sing N N 100 
DG N7    C5     sing Y N 101 
DG C5    C6     sing N N 102 
DG C5    C4     doub Y N 103 
DG C6    O6     doub N N 104 
DG C6    N1     sing N N 105 
DG N1    C2     sing N N 106 
DG N1    H1     sing N N 107 
DG C2    N2     sing N N 108 
DG C2    N3     doub N N 109 
DG N2    H21    sing N N 110 
DG N2    H22    sing N N 111 
DG N3    C4     sing N N 112 
DT OP3   P      sing N N 113 
DT OP3   HOP3   sing N N 114 
DT P     OP1    doub N N 115 
DT P     OP2    sing N N 116 
DT P     "O5'"  sing N N 117 
DT OP2   HOP2   sing N N 118 
DT "O5'" "C5'"  sing N N 119 
DT "C5'" "C4'"  sing N N 120 
DT "C5'" "H5'"  sing N N 121 
DT "C5'" "H5''" sing N N 122 
DT "C4'" "O4'"  sing N N 123 
DT "C4'" "C3'"  sing N N 124 
DT "C4'" "H4'"  sing N N 125 
DT "O4'" "C1'"  sing N N 126 
DT "C3'" "O3'"  sing N N 127 
DT "C3'" "C2'"  sing N N 128 
DT "C3'" "H3'"  sing N N 129 
DT "O3'" "HO3'" sing N N 130 
DT "C2'" "C1'"  sing N N 131 
DT "C2'" "H2'"  sing N N 132 
DT "C2'" "H2''" sing N N 133 
DT "C1'" N1     sing N N 134 
DT "C1'" "H1'"  sing N N 135 
DT N1    C2     sing N N 136 
DT N1    C6     sing N N 137 
DT C2    O2     doub N N 138 
DT C2    N3     sing N N 139 
DT N3    C4     sing N N 140 
DT N3    H3     sing N N 141 
DT C4    O4     doub N N 142 
DT C4    C5     sing N N 143 
DT C5    C7     sing N N 144 
DT C5    C6     doub N N 145 
DT C7    H71    sing N N 146 
DT C7    H72    sing N N 147 
DT C7    H73    sing N N 148 
DT C6    H6     sing N N 149 
R  P     OP1    doub N N 150 
R  P     OP2    sing N N 151 
R  P     OP3    sing N N 152 
R  P     "O5'"  sing N N 153 
R  OP2   HOP2   sing N N 154 
R  OP3   HOP3   sing N N 155 
R  "O5'" "C5'"  sing N N 156 
R  "C5'" "C4'"  sing N N 157 
R  "C5'" "H5'"  sing N N 158 
R  "C5'" "H5''" sing N N 159 
R  "C4'" "O4'"  sing N N 160 
R  "C4'" "C3'"  sing N N 161 
R  "C4'" "H4'"  sing N N 162 
R  "O4'" "C1'"  sing N N 163 
R  "C3'" "O3'"  sing N N 164 
R  "C3'" "C2'"  sing N N 165 
R  "C3'" "H3'"  sing N N 166 
R  "O3'" "HO3'" sing N N 167 
R  "C2'" "C1'"  sing N N 168 
R  "C2'" "H2'"  sing N N 169 
R  "C2'" "H2''" sing N N 170 
R  "C1'" N9     sing N N 171 
R  "C1'" "H1'"  sing N N 172 
R  N9    C8     sing Y N 173 
R  N9    C4     sing Y N 174 
R  C8    N7     doub Y N 175 
R  C8    H8     sing N N 176 
R  N7    C5     sing Y N 177 
R  C5    C6     sing Y N 178 
R  C5    C4     doub Y N 179 
R  C6    N6     sing N N 180 
R  C6    N1     doub Y N 181 
R  N6    CA     sing N N 182 
R  N6    H6     sing N N 183 
R  N1    C2     sing Y N 184 
R  C2    N3     doub Y N 185 
R  C2    H2     sing N N 186 
R  N3    C4     sing Y N 187 
R  CA    CB     sing N N 188 
R  CA    CJ     sing N N 189 
R  CA    HA     sing N N 190 
R  CB    OB     sing N N 191 
R  CB    HB1    sing N N 192 
R  CB    HB2    sing N N 193 
R  OB    HB     sing N N 194 
R  CJ    CO     doub Y N 195 
R  CJ    "CO'"  sing Y N 196 
R  CO    CM     sing Y N 197 
R  CO    HO     sing N N 198 
R  "CO'" "CM'"  doub Y N 199 
R  "CO'" "HO'"  sing N N 200 
R  CM    CP     doub Y N 201 
R  CM    HM     sing N N 202 
R  "CM'" CP     sing Y N 203 
R  "CM'" "HM'"  sing N N 204 
R  CP    HP     sing N N 205 
# 
loop_
_ndb_struct_conf_na.entry_id 
_ndb_struct_conf_na.feature 
1AGZ 'double helix'        
1AGZ 'b-form double helix' 
# 
loop_
_ndb_struct_na_base_pair.model_number 
_ndb_struct_na_base_pair.i_label_asym_id 
_ndb_struct_na_base_pair.i_label_comp_id 
_ndb_struct_na_base_pair.i_label_seq_id 
_ndb_struct_na_base_pair.i_symmetry 
_ndb_struct_na_base_pair.j_label_asym_id 
_ndb_struct_na_base_pair.j_label_comp_id 
_ndb_struct_na_base_pair.j_label_seq_id 
_ndb_struct_na_base_pair.j_symmetry 
_ndb_struct_na_base_pair.shear 
_ndb_struct_na_base_pair.stretch 
_ndb_struct_na_base_pair.stagger 
_ndb_struct_na_base_pair.buckle 
_ndb_struct_na_base_pair.propeller 
_ndb_struct_na_base_pair.opening 
_ndb_struct_na_base_pair.pair_number 
_ndb_struct_na_base_pair.pair_name 
_ndb_struct_na_base_pair.i_auth_asym_id 
_ndb_struct_na_base_pair.i_auth_seq_id 
_ndb_struct_na_base_pair.i_PDB_ins_code 
_ndb_struct_na_base_pair.j_auth_asym_id 
_ndb_struct_na_base_pair.j_auth_seq_id 
_ndb_struct_na_base_pair.j_PDB_ins_code 
_ndb_struct_na_base_pair.hbond_type_28 
_ndb_struct_na_base_pair.hbond_type_12 
1 A DC 1  1_555 B DG 11 1_555 0.773  -0.541 -0.669 12.722 -17.379 4.549  1  A_DC1:DG22_B  A 1  ? B 22 ? 19 1 
1 A DG 2  1_555 B DC 10 1_555 -0.843 -0.361 0.064  -0.711 -10.463 0.467  2  A_DG2:DC21_B  A 2  ? B 21 ? 19 1 
1 A DG 3  1_555 B DC 9  1_555 -0.730 -0.258 -0.274 -6.416 -8.917  0.269  3  A_DG3:DC20_B  A 3  ? B 20 ? 19 1 
1 A DA 4  1_555 B DT 8  1_555 0.281  -0.101 0.069  1.036  -11.005 -1.306 4  A_DA4:DT19_B  A 4  ? B 19 ? 20 1 
1 A DC 5  1_555 B DG 7  1_555 0.735  -0.273 -0.091 4.156  -8.158  -1.525 5  A_DC5:DG18_B  A 5  ? B 18 ? 19 1 
1 A DA 6  1_555 B DT 6  1_555 0.111  -0.218 0.088  3.815  -0.420  -4.701 6  A_DA6:DT17_B  A 6  ? B 17 ? 20 1 
1 A R  7  1_555 B DT 5  1_555 -0.279 -0.091 -0.146 -1.173 -16.644 2.123  7  A_R7:DT16_B   A 7  ? B 16 ? 20 1 
1 A DG 8  1_555 B DC 4  1_555 -0.791 -0.209 -0.234 -6.139 -0.343  2.476  8  A_DG8:DC15_B  A 8  ? B 15 ? 19 1 
1 A DA 9  1_555 B DT 3  1_555 0.242  -0.155 -0.304 6.027  -9.944  -5.757 9  A_DA9:DT14_B  A 9  ? B 14 ? 20 1 
1 A DA 10 1_555 B DT 2  1_555 0.464  -0.141 0.076  9.565  -6.579  -2.638 10 A_DA10:DT13_B A 10 ? B 13 ? 20 1 
1 A DG 11 1_555 B DC 1  1_555 -0.946 -0.221 0.579  21.480 2.101   5.108  11 A_DG11:DC12_B A 11 ? B 12 ? 19 1 
# 
loop_
_ndb_struct_na_base_pair_step.model_number 
_ndb_struct_na_base_pair_step.i_label_asym_id_1 
_ndb_struct_na_base_pair_step.i_label_comp_id_1 
_ndb_struct_na_base_pair_step.i_label_seq_id_1 
_ndb_struct_na_base_pair_step.i_symmetry_1 
_ndb_struct_na_base_pair_step.j_label_asym_id_1 
_ndb_struct_na_base_pair_step.j_label_comp_id_1 
_ndb_struct_na_base_pair_step.j_label_seq_id_1 
_ndb_struct_na_base_pair_step.j_symmetry_1 
_ndb_struct_na_base_pair_step.i_label_asym_id_2 
_ndb_struct_na_base_pair_step.i_label_comp_id_2 
_ndb_struct_na_base_pair_step.i_label_seq_id_2 
_ndb_struct_na_base_pair_step.i_symmetry_2 
_ndb_struct_na_base_pair_step.j_label_asym_id_2 
_ndb_struct_na_base_pair_step.j_label_comp_id_2 
_ndb_struct_na_base_pair_step.j_label_seq_id_2 
_ndb_struct_na_base_pair_step.j_symmetry_2 
_ndb_struct_na_base_pair_step.shift 
_ndb_struct_na_base_pair_step.slide 
_ndb_struct_na_base_pair_step.rise 
_ndb_struct_na_base_pair_step.tilt 
_ndb_struct_na_base_pair_step.roll 
_ndb_struct_na_base_pair_step.twist 
_ndb_struct_na_base_pair_step.x_displacement 
_ndb_struct_na_base_pair_step.y_displacement 
_ndb_struct_na_base_pair_step.helical_rise 
_ndb_struct_na_base_pair_step.inclination 
_ndb_struct_na_base_pair_step.tip 
_ndb_struct_na_base_pair_step.helical_twist 
_ndb_struct_na_base_pair_step.step_number 
_ndb_struct_na_base_pair_step.step_name 
_ndb_struct_na_base_pair_step.i_auth_asym_id_1 
_ndb_struct_na_base_pair_step.i_auth_seq_id_1 
_ndb_struct_na_base_pair_step.i_PDB_ins_code_1 
_ndb_struct_na_base_pair_step.j_auth_asym_id_1 
_ndb_struct_na_base_pair_step.j_auth_seq_id_1 
_ndb_struct_na_base_pair_step.j_PDB_ins_code_1 
_ndb_struct_na_base_pair_step.i_auth_asym_id_2 
_ndb_struct_na_base_pair_step.i_auth_seq_id_2 
_ndb_struct_na_base_pair_step.i_PDB_ins_code_2 
_ndb_struct_na_base_pair_step.j_auth_asym_id_2 
_ndb_struct_na_base_pair_step.j_auth_seq_id_2 
_ndb_struct_na_base_pair_step.j_PDB_ins_code_2 
1 A DC 1  1_555 B DG 11 1_555 A DG 2  1_555 B DC 10 1_555 -0.485 -0.074 3.742 -5.990 6.093  26.826 -1.808 -0.630 3.657 12.730  
12.515 28.130 1  AA_DC1DG2:DC21DG22_BB   A 1  ? B 22 ? A 2  ? B 21 ? 
1 A DG 2  1_555 B DC 10 1_555 A DG 3  1_555 B DC 9  1_555 -0.371 -0.506 3.605 0.132  -3.823 36.140 -0.220 0.615  3.637 -6.141  
-0.213 36.335 2  AA_DG2DG3:DC20DC21_BB   A 2  ? B 21 ? A 3  ? B 20 ? 
1 A DG 3  1_555 B DC 9  1_555 A DA 4  1_555 B DT 8  1_555 0.324  -0.259 2.936 -0.724 1.419  39.187 -0.538 -0.559 2.919 2.114   
1.079  39.218 3  AA_DG3DA4:DT19DC20_BB   A 3  ? B 20 ? A 4  ? B 19 ? 
1 A DA 4  1_555 B DT 8  1_555 A DC 5  1_555 B DG 7  1_555 0.022  -1.071 3.096 0.971  -3.975 35.003 -1.199 0.102  3.194 -6.581  
-1.608 35.234 4  AA_DA4DC5:DG18DT19_BB   A 4  ? B 19 ? A 5  ? B 18 ? 
1 A DC 5  1_555 B DG 7  1_555 A DA 6  1_555 B DT 6  1_555 -0.664 -0.837 3.553 -5.191 -6.676 31.724 -0.187 0.168  3.707 -11.949 
9.291  32.804 5  AA_DC5DA6:DT17DG18_BB   A 5  ? B 18 ? A 6  ? B 17 ? 
1 A DA 6  1_555 B DT 6  1_555 A R  7  1_555 B DT 5  1_555 0.888  -1.166 3.401 2.178  0.217  31.030 -2.217 -1.220 3.446 0.405   
-4.064 31.105 6  AA_DA6R7:DT16DT17_BB    A 6  ? B 17 ? A 7  ? B 16 ? 
1 A R  7  1_555 B DT 5  1_555 A DG 8  1_555 B DC 4  1_555 -0.209 -1.277 3.166 -1.000 6.253  27.247 -4.018 0.213  2.814 13.050  
2.086  27.959 7  AA_R7DG8:DC15DT16_BB    A 7  ? B 16 ? A 8  ? B 15 ? 
1 A DG 8  1_555 B DC 4  1_555 A DA 9  1_555 B DT 3  1_555 -0.536 0.036  3.005 0.666  4.767  39.227 -0.462 0.865  2.980 7.069   
-0.987 39.510 8  AA_DG8DA9:DT14DC15_BB   A 8  ? B 15 ? A 9  ? B 14 ? 
1 A DA 9  1_555 B DT 3  1_555 A DA 10 1_555 B DT 2  1_555 0.668  -0.861 2.987 -1.293 8.546  30.493 -2.958 -1.433 2.626 15.852  
2.399  31.666 9  AA_DA9DA10:DT13DT14_BB  A 9  ? B 14 ? A 10 ? B 13 ? 
1 A DA 10 1_555 B DT 2  1_555 A DG 11 1_555 B DC 1  1_555 0.319  -1.024 2.697 -4.197 7.143  26.877 -3.415 -1.425 2.279 14.923  
8.768  28.102 10 AA_DA10DG11:DC12DT13_BB A 10 ? B 13 ? A 11 ? B 12 ? 
# 
_pdbx_nmr_spectrometer.spectrometer_id   1 
_pdbx_nmr_spectrometer.model             AMX500 
_pdbx_nmr_spectrometer.manufacturer      Bruker 
_pdbx_nmr_spectrometer.field_strength    500 
# 
_atom_sites.entry_id                    1AGZ 
_atom_sites.fract_transf_matrix[1][1]   1.000000 
_atom_sites.fract_transf_matrix[1][2]   0.000000 
_atom_sites.fract_transf_matrix[1][3]   0.000000 
_atom_sites.fract_transf_matrix[2][1]   0.000000 
_atom_sites.fract_transf_matrix[2][2]   1.000000 
_atom_sites.fract_transf_matrix[2][3]   0.000000 
_atom_sites.fract_transf_matrix[3][1]   0.000000 
_atom_sites.fract_transf_matrix[3][2]   0.000000 
_atom_sites.fract_transf_matrix[3][3]   1.000000 
_atom_sites.fract_transf_vector[1]      0.00000 
_atom_sites.fract_transf_vector[2]      0.00000 
_atom_sites.fract_transf_vector[3]      0.00000 
# 
loop_
_atom_type.symbol 
C 
H 
N 
O 
P 
# 
loop_
_atom_site.group_PDB 
_atom_site.id 
_atom_site.type_symbol 
_atom_site.label_atom_id 
_atom_site.label_alt_id 
_atom_site.label_comp_id 
_atom_site.label_asym_id 
_atom_site.label_entity_id 
_atom_site.label_seq_id 
_atom_site.pdbx_PDB_ins_code 
_atom_site.Cartn_x 
_atom_site.Cartn_y 
_atom_site.Cartn_z 
_atom_site.occupancy 
_atom_site.B_iso_or_equiv 
_atom_site.pdbx_formal_charge 
_atom_site.auth_seq_id 
_atom_site.auth_comp_id 
_atom_site.auth_asym_id 
_atom_site.auth_atom_id 
_atom_site.pdbx_PDB_model_num 
ATOM   1   O "O5'"  . DC A 1 1  ? -17.096 -11.776 -13.263 1.00 2.07 ? 1  DC A "O5'"  1 
ATOM   2   C "C5'"  . DC A 1 1  ? -18.091 -11.496 -12.282 1.00 2.06 ? 1  DC A "C5'"  1 
ATOM   3   C "C4'"  . DC A 1 1  ? -17.463 -11.074 -10.968 1.00 1.80 ? 1  DC A "C4'"  1 
ATOM   4   O "O4'"  . DC A 1 1  ? -16.525 -12.055 -10.475 1.00 1.66 ? 1  DC A "O4'"  1 
ATOM   5   C "C3'"  . DC A 1 1  ? -16.722 -9.758  -11.118 1.00 1.67 ? 1  DC A "C3'"  1 
ATOM   6   O "O3'"  . DC A 1 1  ? -17.421 -8.780  -10.336 1.00 1.66 ? 1  DC A "O3'"  1 
ATOM   7   C "C2'"  . DC A 1 1  ? -15.313 -10.026 -10.602 1.00 1.47 ? 1  DC A "C2'"  1 
ATOM   8   C "C1'"  . DC A 1 1  ? -15.399 -11.378 -9.900  1.00 1.44 ? 1  DC A "C1'"  1 
ATOM   9   N N1     . DC A 1 1  ? -14.162 -12.206 -10.002 1.00 1.36 ? 1  DC A N1     1 
ATOM   10  C C2     . DC A 1 1  ? -13.942 -13.123 -8.987  1.00 1.31 ? 1  DC A C2     1 
ATOM   11  O O2     . DC A 1 1  ? -14.777 -13.261 -8.093  1.00 1.51 ? 1  DC A O2     1 
ATOM   12  N N3     . DC A 1 1  ? -12.802 -13.863 -9.004  1.00 1.39 ? 1  DC A N3     1 
ATOM   13  C C4     . DC A 1 1  ? -11.905 -13.728 -9.985  1.00 1.35 ? 1  DC A C4     1 
ATOM   14  N N4     . DC A 1 1  ? -10.786 -14.458 -9.946  1.00 1.42 ? 1  DC A N4     1 
ATOM   15  C C5     . DC A 1 1  ? -12.121 -12.797 -11.046 1.00 1.61 ? 1  DC A C5     1 
ATOM   16  C C6     . DC A 1 1  ? -13.256 -12.062 -11.026 1.00 1.67 ? 1  DC A C6     1 
ATOM   17  H "H5'"  . DC A 1 1  ? -18.686 -12.386 -12.115 1.00 2.35 ? 1  DC A "H5'"  1 
ATOM   18  H "H5''" . DC A 1 1  ? -18.730 -10.692 -12.645 1.00 2.23 ? 1  DC A "H5''" 1 
ATOM   19  H "H4'"  . DC A 1 1  ? -18.258 -10.944 -10.220 1.00 1.87 ? 1  DC A "H4'"  1 
ATOM   20  H "H3'"  . DC A 1 1  ? -16.675 -9.468  -12.174 1.00 1.79 ? 1  DC A "H3'"  1 
ATOM   21  H "H2'"  . DC A 1 1  ? -14.624 -10.072 -11.432 1.00 1.52 ? 1  DC A "H2'"  1 
ATOM   22  H "H2''" . DC A 1 1  ? -15.008 -9.257  -9.895  1.00 1.38 ? 1  DC A "H2''" 1 
ATOM   23  H "H1'"  . DC A 1 1  ? -15.613 -11.206 -8.840  1.00 1.39 ? 1  DC A "H1'"  1 
ATOM   24  H H41    . DC A 1 1  ? -10.634 -15.112 -9.195  1.00 1.57 ? 1  DC A H41    1 
ATOM   25  H H42    . DC A 1 1  ? -10.090 -14.350 -10.673 1.00 1.51 ? 1  DC A H42    1 
ATOM   26  H H5     . DC A 1 1  ? -11.393 -12.684 -11.848 1.00 1.93 ? 1  DC A H5     1 
ATOM   27  H H6     . DC A 1 1  ? -13.458 -11.371 -11.835 1.00 2.09 ? 1  DC A H6     1 
ATOM   28  H "HO5'" . DC A 1 1  ? -16.265 -11.399 -12.936 1.00 2.36 ? 1  DC A "HO5'" 1 
ATOM   29  P P      . DG A 1 2  ? -16.921 -7.256  -10.248 1.00 1.47 ? 2  DG A P      1 
ATOM   30  O OP1    . DG A 1 2  ? -18.082 -6.385  -10.594 1.00 2.14 ? 2  DG A OP1    1 
ATOM   31  O OP2    . DG A 1 2  ? -15.597 -7.147  -10.963 1.00 1.85 ? 2  DG A OP2    1 
ATOM   32  O "O5'"  . DG A 1 2  ? -16.716 -7.120  -8.636  1.00 1.28 ? 2  DG A "O5'"  1 
ATOM   33  C "C5'"  . DG A 1 2  ? -17.784 -7.529  -7.759  1.00 1.18 ? 2  DG A "C5'"  1 
ATOM   34  C "C4'"  . DG A 1 2  ? -17.260 -8.029  -6.404  1.00 0.97 ? 2  DG A "C4'"  1 
ATOM   35  O "O4'"  . DG A 1 2  ? -16.320 -9.115  -6.554  1.00 0.91 ? 2  DG A "O4'"  1 
ATOM   36  C "C3'"  . DG A 1 2  ? -16.567 -6.915  -5.650  1.00 0.95 ? 2  DG A "C3'"  1 
ATOM   37  O "O3'"  . DG A 1 2  ? -17.225 -6.750  -4.391  1.00 0.93 ? 2  DG A "O3'"  1 
ATOM   38  C "C2'"  . DG A 1 2  ? -15.132 -7.366  -5.480  1.00 0.88 ? 2  DG A "C2'"  1 
ATOM   39  C "C1'"  . DG A 1 2  ? -15.157 -8.856  -5.730  1.00 0.78 ? 2  DG A "C1'"  1 
ATOM   40  N N9     . DG A 1 2  ? -13.930 -9.335  -6.382  1.00 0.78 ? 2  DG A N9     1 
ATOM   41  C C8     . DG A 1 2  ? -13.481 -9.149  -7.645  1.00 0.92 ? 2  DG A C8     1 
ATOM   42  N N7     . DG A 1 2  ? -12.388 -9.751  -7.987  1.00 0.92 ? 2  DG A N7     1 
ATOM   43  C C5     . DG A 1 2  ? -12.056 -10.422 -6.805  1.00 0.74 ? 2  DG A C5     1 
ATOM   44  C C6     . DG A 1 2  ? -10.957 -11.272 -6.516  1.00 0.67 ? 2  DG A C6     1 
ATOM   45  O O6     . DG A 1 2  ? -10.038 -11.613 -7.258  1.00 0.73 ? 2  DG A O6     1 
ATOM   46  N N1     . DG A 1 2  ? -11.004 -11.735 -5.206  1.00 0.61 ? 2  DG A N1     1 
ATOM   47  C C2     . DG A 1 2  ? -11.985 -11.424 -4.285  1.00 0.63 ? 2  DG A C2     1 
ATOM   48  N N2     . DG A 1 2  ? -11.857 -11.960 -3.072  1.00 0.74 ? 2  DG A N2     1 
ATOM   49  N N3     . DG A 1 2  ? -13.021 -10.630 -4.553  1.00 0.64 ? 2  DG A N3     1 
ATOM   50  C C4     . DG A 1 2  ? -12.996 -10.167 -5.821  1.00 0.68 ? 2  DG A C4     1 
ATOM   51  H "H5'"  . DG A 1 2  ? -18.367 -8.338  -8.225  1.00 1.27 ? 2  DG A "H5'"  1 
ATOM   52  H "H5''" . DG A 1 2  ? -18.433 -6.672  -7.613  1.00 1.23 ? 2  DG A "H5''" 1 
ATOM   53  H "H4'"  . DG A 1 2  ? -18.114 -8.389  -5.804  1.00 0.97 ? 2  DG A "H4'"  1 
ATOM   54  H "H3'"  . DG A 1 2  ? -16.603 -5.987  -6.222  1.00 1.07 ? 2  DG A "H3'"  1 
ATOM   55  H "H2'"  . DG A 1 2  ? -14.488 -6.874  -6.213  1.00 0.98 ? 2  DG A "H2'"  1 
ATOM   56  H "H2''" . DG A 1 2  ? -14.774 -7.159  -4.469  1.00 0.89 ? 2  DG A "H2''" 1 
ATOM   57  H "H1'"  . DG A 1 2  ? -15.278 -9.367  -4.778  1.00 0.72 ? 2  DG A "H1'"  1 
ATOM   58  H H8     . DG A 1 2  ? -14.021 -8.517  -8.347  1.00 1.07 ? 2  DG A H8     1 
ATOM   59  H H1     . DG A 1 2  ? -10.251 -12.346 -4.929  1.00 0.62 ? 2  DG A H1     1 
ATOM   60  H H21    . DG A 1 2  ? -11.071 -12.557 -2.864  1.00 0.79 ? 2  DG A H21    1 
ATOM   61  H H22    . DG A 1 2  ? -12.546 -11.763 -2.359  1.00 0.83 ? 2  DG A H22    1 
ATOM   62  P P      . DG A 1 3  ? -16.707 -5.701  -3.300  1.00 1.18 ? 3  DG A P      1 
ATOM   63  O OP1    . DG A 1 3  ? -17.838 -5.402  -2.392  1.00 2.08 ? 3  DG A OP1    1 
ATOM   64  O OP2    . DG A 1 3  ? -16.011 -4.606  -4.004  1.00 2.01 ? 3  DG A OP2    1 
ATOM   65  O "O5'"  . DG A 1 3  ? -15.619 -6.564  -2.489  1.00 0.75 ? 3  DG A "O5'"  1 
ATOM   66  C "C5'"  . DG A 1 3  ? -16.032 -7.528  -1.517  1.00 0.68 ? 3  DG A "C5'"  1 
ATOM   67  C "C4'"  . DG A 1 3  ? -14.853 -8.011  -0.689  1.00 0.57 ? 3  DG A "C4'"  1 
ATOM   68  O "O4'"  . DG A 1 3  ? -13.904 -8.736  -1.507  1.00 0.51 ? 3  DG A "O4'"  1 
ATOM   69  C "C3'"  . DG A 1 3  ? -14.129 -6.822  -0.070  1.00 0.59 ? 3  DG A "C3'"  1 
ATOM   70  O "O3'"  . DG A 1 3  ? -14.148 -6.907  1.360   1.00 0.62 ? 3  DG A "O3'"  1 
ATOM   71  C "C2'"  . DG A 1 3  ? -12.721 -6.884  -0.610  1.00 0.56 ? 3  DG A "C2'"  1 
ATOM   72  C "C1'"  . DG A 1 3  ? -12.575 -8.248  -1.248  1.00 0.50 ? 3  DG A "C1'"  1 
ATOM   73  N N9     . DG A 1 3  ? -11.772 -8.186  -2.485  1.00 0.47 ? 3  DG A N9     1 
ATOM   74  C C8     . DG A 1 3  ? -11.982 -7.496  -3.635  1.00 0.48 ? 3  DG A C8     1 
ATOM   75  N N7     . DG A 1 3  ? -11.106 -7.626  -4.578  1.00 0.47 ? 3  DG A N7     1 
ATOM   76  C C5     . DG A 1 3  ? -10.191 -8.510  -3.997  1.00 0.44 ? 3  DG A C5     1 
ATOM   77  C C6     . DG A 1 3  ? -8.988  -9.056  -4.522  1.00 0.44 ? 3  DG A C6     1 
ATOM   78  O O6     . DG A 1 3  ? -8.479  -8.867  -5.624  1.00 0.43 ? 3  DG A O6     1 
ATOM   79  N N1     . DG A 1 3  ? -8.371  -9.901  -3.606  1.00 0.48 ? 3  DG A N1     1 
ATOM   80  C C2     . DG A 1 3  ? -8.847  -10.189 -2.342  1.00 0.52 ? 3  DG A C2     1 
ATOM   81  N N2     . DG A 1 3  ? -8.117  -11.026 -1.605  1.00 0.61 ? 3  DG A N2     1 
ATOM   82  N N3     . DG A 1 3  ? -9.975  -9.680  -1.844  1.00 0.51 ? 3  DG A N3     1 
ATOM   83  C C4     . DG A 1 3  ? -10.593 -8.853  -2.716  1.00 0.46 ? 3  DG A C4     1 
ATOM   84  H "H5'"  . DG A 1 3  ? -16.487 -8.379  -2.026  1.00 0.71 ? 3  DG A "H5'"  1 
ATOM   85  H "H5''" . DG A 1 3  ? -16.768 -7.072  -0.854  1.00 0.72 ? 3  DG A "H5''" 1 
ATOM   86  H "H4'"  . DG A 1 3  ? -15.214 -8.665  0.105   1.00 0.59 ? 3  DG A "H4'"  1 
ATOM   87  H "H3'"  . DG A 1 3  ? -14.606 -5.893  -0.394  1.00 0.64 ? 3  DG A "H3'"  1 
ATOM   88  H "H2'"  . DG A 1 3  ? -12.579 -6.103  -1.356  1.00 0.58 ? 3  DG A "H2'"  1 
ATOM   89  H "H2''" . DG A 1 3  ? -12.000 -6.768  0.197   1.00 0.61 ? 3  DG A "H2''" 1 
ATOM   90  H "H1'"  . DG A 1 3  ? -12.085 -8.918  -0.541  1.00 0.51 ? 3  DG A "H1'"  1 
ATOM   91  H H8     . DG A 1 3  ? -12.854 -6.856  -3.759  1.00 0.52 ? 3  DG A H8     1 
ATOM   92  H H1     . DG A 1 3  ? -7.509  -10.326 -3.913  1.00 0.50 ? 3  DG A H1     1 
ATOM   93  H H21    . DG A 1 3  ? -7.261  -11.412 -1.977  1.00 0.63 ? 3  DG A H21    1 
ATOM   94  H H22    . DG A 1 3  ? -8.419  -11.274 -0.674  1.00 0.66 ? 3  DG A H22    1 
ATOM   95  P P      . DA A 1 4  ? -13.322 -5.863  2.270   1.00 0.72 ? 4  DA A P      1 
ATOM   96  O OP1    . DA A 1 4  ? -13.843 -5.945  3.655   1.00 1.14 ? 4  DA A OP1    1 
ATOM   97  O OP2    . DA A 1 4  ? -13.284 -4.554  1.576   1.00 1.79 ? 4  DA A OP2    1 
ATOM   98  O "O5'"  . DA A 1 4  ? -11.839 -6.483  2.251   1.00 0.66 ? 4  DA A "O5'"  1 
ATOM   99  C "C5'"  . DA A 1 4  ? -11.604 -7.784  2.789   1.00 0.67 ? 4  DA A "C5'"  1 
ATOM   100 C "C4'"  . DA A 1 4  ? -10.145 -8.201  2.650   1.00 0.65 ? 4  DA A "C4'"  1 
ATOM   101 O "O4'"  . DA A 1 4  ? -9.766  -8.337  1.260   1.00 0.61 ? 4  DA A "O4'"  1 
ATOM   102 C "C3'"  . DA A 1 4  ? -9.222  -7.175  3.289   1.00 0.65 ? 4  DA A "C3'"  1 
ATOM   103 O "O3'"  . DA A 1 4  ? -8.488  -7.789  4.363   1.00 0.70 ? 4  DA A "O3'"  1 
ATOM   104 C "C2'"  . DA A 1 4  ? -8.313  -6.700  2.173   1.00 0.59 ? 4  DA A "C2'"  1 
ATOM   105 C "C1'"  . DA A 1 4  ? -8.496  -7.691  1.043   1.00 0.58 ? 4  DA A "C1'"  1 
ATOM   106 N N9     . DA A 1 4  ? -8.451  -7.042  -0.284  1.00 0.54 ? 4  DA A N9     1 
ATOM   107 C C8     . DA A 1 4  ? -9.274  -6.110  -0.832  1.00 0.53 ? 4  DA A C8     1 
ATOM   108 N N7     . DA A 1 4  ? -9.041  -5.754  -2.052  1.00 0.50 ? 4  DA A N7     1 
ATOM   109 C C5     . DA A 1 4  ? -7.926  -6.535  -2.366  1.00 0.49 ? 4  DA A C5     1 
ATOM   110 C C6     . DA A 1 4  ? -7.148  -6.658  -3.526  1.00 0.47 ? 4  DA A C6     1 
ATOM   111 N N6     . DA A 1 4  ? -7.397  -5.982  -4.648  1.00 0.46 ? 4  DA A N6     1 
ATOM   112 N N1     . DA A 1 4  ? -6.115  -7.518  -3.489  1.00 0.49 ? 4  DA A N1     1 
ATOM   113 C C2     . DA A 1 4  ? -5.862  -8.224  -2.386  1.00 0.51 ? 4  DA A C2     1 
ATOM   114 N N3     . DA A 1 4  ? -6.531  -8.186  -1.238  1.00 0.53 ? 4  DA A N3     1 
ATOM   115 C C4     . DA A 1 4  ? -7.557  -7.314  -1.295  1.00 0.52 ? 4  DA A C4     1 
ATOM   116 H "H5'"  . DA A 1 4  ? -12.233 -8.504  2.262   1.00 0.67 ? 4  DA A "H5'"  1 
ATOM   117 H "H5''" . DA A 1 4  ? -11.876 -7.783  3.845   1.00 0.73 ? 4  DA A "H5''" 1 
ATOM   118 H "H4'"  . DA A 1 4  ? -10.003 -9.158  3.149   1.00 0.68 ? 4  DA A "H4'"  1 
ATOM   119 H "H3'"  . DA A 1 4  ? -9.812  -6.332  3.666   1.00 0.68 ? 4  DA A "H3'"  1 
ATOM   120 H "H2'"  . DA A 1 4  ? -8.618  -5.702  1.850   1.00 0.57 ? 4  DA A "H2'"  1 
ATOM   121 H "H2''" . DA A 1 4  ? -7.274  -6.685  2.498   1.00 0.58 ? 4  DA A "H2''" 1 
ATOM   122 H "H1'"  . DA A 1 4  ? -7.705  -8.437  1.102   1.00 0.60 ? 4  DA A "H1'"  1 
ATOM   123 H H8     . DA A 1 4  ? -10.101 -5.680  -0.265  1.00 0.55 ? 4  DA A H8     1 
ATOM   124 H H61    . DA A 1 4  ? -6.805  -6.110  -5.457  1.00 0.45 ? 4  DA A H61    1 
ATOM   125 H H62    . DA A 1 4  ? -8.179  -5.344  -4.691  1.00 0.46 ? 4  DA A H62    1 
ATOM   126 H H2     . DA A 1 4  ? -5.010  -8.903  -2.428  1.00 0.53 ? 4  DA A H2     1 
ATOM   127 P P      . DC A 1 5  ? -7.149  -7.128  4.957   1.00 1.04 ? 5  DC A P      1 
ATOM   128 O OP1    . DC A 1 5  ? -6.722  -7.927  6.126   1.00 1.82 ? 5  DC A OP1    1 
ATOM   129 O OP2    . DC A 1 5  ? -7.368  -5.672  5.101   1.00 2.02 ? 5  DC A OP2    1 
ATOM   130 O "O5'"  . DC A 1 5  ? -6.090  -7.365  3.768   1.00 0.85 ? 5  DC A "O5'"  1 
ATOM   131 C "C5'"  . DC A 1 5  ? -5.463  -8.639  3.596   1.00 0.81 ? 5  DC A "C5'"  1 
ATOM   132 C "C4'"  . DC A 1 5  ? -4.197  -8.525  2.756   1.00 0.70 ? 5  DC A "C4'"  1 
ATOM   133 O "O4'"  . DC A 1 5  ? -4.507  -8.157  1.394   1.00 0.65 ? 5  DC A "O4'"  1 
ATOM   134 C "C3'"  . DC A 1 5  ? -3.267  -7.461  3.329   1.00 0.71 ? 5  DC A "C3'"  1 
ATOM   135 O "O3'"  . DC A 1 5  ? -2.050  -8.061  3.804   1.00 0.76 ? 5  DC A "O3'"  1 
ATOM   136 C "C2'"  . DC A 1 5  ? -3.016  -6.496  2.192   1.00 0.63 ? 5  DC A "C2'"  1 
ATOM   137 C "C1'"  . DC A 1 5  ? -3.565  -7.165  0.948   1.00 0.60 ? 5  DC A "C1'"  1 
ATOM   138 N N1     . DC A 1 5  ? -4.202  -6.195  0.029   1.00 0.56 ? 5  DC A N1     1 
ATOM   139 C C2     . DC A 1 5  ? -3.733  -6.158  -1.279  1.00 0.54 ? 5  DC A C2     1 
ATOM   140 O O2     . DC A 1 5  ? -2.810  -6.890  -1.629  1.00 0.56 ? 5  DC A O2     1 
ATOM   141 N N3     . DC A 1 5  ? -4.314  -5.292  -2.149  1.00 0.52 ? 5  DC A N3     1 
ATOM   142 C C4     . DC A 1 5  ? -5.314  -4.492  -1.763  1.00 0.52 ? 5  DC A C4     1 
ATOM   143 N N4     . DC A 1 5  ? -5.866  -3.669  -2.655  1.00 0.51 ? 5  DC A N4     1 
ATOM   144 C C5     . DC A 1 5  ? -5.802  -4.519  -0.418  1.00 0.54 ? 5  DC A C5     1 
ATOM   145 C C6     . DC A 1 5  ? -5.222  -5.382  0.441   1.00 0.56 ? 5  DC A C6     1 
ATOM   146 H "H5'"  . DC A 1 5  ? -6.160  -9.318  3.103   1.00 0.87 ? 5  DC A "H5'"  1 
ATOM   147 H "H5''" . DC A 1 5  ? -5.204  -9.043  4.575   1.00 0.89 ? 5  DC A "H5''" 1 
ATOM   148 H "H4'"  . DC A 1 5  ? -3.682  -9.484  2.757   1.00 0.75 ? 5  DC A "H4'"  1 
ATOM   149 H "H3'"  . DC A 1 5  ? -3.771  -6.935  4.147   1.00 0.80 ? 5  DC A "H3'"  1 
ATOM   150 H "H2'"  . DC A 1 5  ? -3.548  -5.561  2.381   1.00 0.63 ? 5  DC A "H2'"  1 
ATOM   151 H "H2''" . DC A 1 5  ? -1.952  -6.304  2.080   1.00 0.64 ? 5  DC A "H2''" 1 
ATOM   152 H "H1'"  . DC A 1 5  ? -2.746  -7.664  0.429   1.00 0.62 ? 5  DC A "H1'"  1 
ATOM   153 H H41    . DC A 1 5  ? -5.521  -3.653  -3.605  1.00 0.51 ? 5  DC A H41    1 
ATOM   154 H H42    . DC A 1 5  ? -6.628  -3.065  -2.383  1.00 0.52 ? 5  DC A H42    1 
ATOM   155 H H5     . DC A 1 5  ? -6.611  -3.861  -0.099  1.00 0.55 ? 5  DC A H5     1 
ATOM   156 H H6     . DC A 1 5  ? -5.571  -5.431  1.473   1.00 0.59 ? 5  DC A H6     1 
ATOM   157 P P      . DA A 1 6  ? -0.731  -7.181  4.107   1.00 0.77 ? 6  DA A P      1 
ATOM   158 O OP1    . DA A 1 6  ? 0.061   -7.873  5.144   1.00 1.45 ? 6  DA A OP1    1 
ATOM   159 O OP2    . DA A 1 6  ? -1.142  -5.774  4.315   1.00 1.70 ? 6  DA A OP2    1 
ATOM   160 O "O5'"  . DA A 1 6  ? 0.071   -7.277  2.712   1.00 0.77 ? 6  DA A "O5'"  1 
ATOM   161 C "C5'"  . DA A 1 6  ? 0.518   -8.550  2.230   1.00 0.83 ? 6  DA A "C5'"  1 
ATOM   162 C "C4'"  . DA A 1 6  ? 1.366   -8.418  0.967   1.00 0.76 ? 6  DA A "C4'"  1 
ATOM   163 O "O4'"  . DA A 1 6  ? 0.620   -7.785  -0.098  1.00 0.69 ? 6  DA A "O4'"  1 
ATOM   164 C "C3'"  . DA A 1 6  ? 2.616   -7.592  1.226   1.00 0.76 ? 6  DA A "C3'"  1 
ATOM   165 O "O3'"  . DA A 1 6  ? 3.777   -8.358  0.868   1.00 0.81 ? 6  DA A "O3'"  1 
ATOM   166 C "C2'"  . DA A 1 6  ? 2.464   -6.352  0.372   1.00 0.67 ? 6  DA A "C2'"  1 
ATOM   167 C "C1'"  . DA A 1 6  ? 1.356   -6.659  -0.619  1.00 0.62 ? 6  DA A "C1'"  1 
ATOM   168 N N9     . DA A 1 6  ? 0.457   -5.506  -0.812  1.00 0.58 ? 6  DA A N9     1 
ATOM   169 C C8     . DA A 1 6  ? -0.449  -4.968  0.038   1.00 0.58 ? 6  DA A C8     1 
ATOM   170 N N7     . DA A 1 6  ? -1.175  -3.999  -0.399  1.00 0.56 ? 6  DA A N7     1 
ATOM   171 C C5     . DA A 1 6  ? -0.705  -3.859  -1.705  1.00 0.53 ? 6  DA A C5     1 
ATOM   172 C C6     . DA A 1 6  ? -1.054  -2.995  -2.744  1.00 0.51 ? 6  DA A C6     1 
ATOM   173 N N6     . DA A 1 6  ? -2.009  -2.070  -2.631  1.00 0.52 ? 6  DA A N6     1 
ATOM   174 N N1     . DA A 1 6  ? -0.389  -3.123  -3.905  1.00 0.51 ? 6  DA A N1     1 
ATOM   175 C C2     . DA A 1 6  ? 0.565   -4.048  -4.037  1.00 0.53 ? 6  DA A C2     1 
ATOM   176 N N3     . DA A 1 6  ? 0.971   -4.919  -3.120  1.00 0.55 ? 6  DA A N3     1 
ATOM   177 C C4     . DA A 1 6  ? 0.291   -4.770  -1.966  1.00 0.55 ? 6  DA A C4     1 
ATOM   178 H "H5'"  . DA A 1 6  ? -0.352  -9.171  2.010   1.00 0.87 ? 6  DA A "H5'"  1 
ATOM   179 H "H5''" . DA A 1 6  ? 1.111   -9.036  3.007   1.00 0.93 ? 6  DA A "H5''" 1 
ATOM   180 H "H4'"  . DA A 1 6  ? 1.666   -9.412  0.640   1.00 0.81 ? 6  DA A "H4'"  1 
ATOM   181 H "H3'"  . DA A 1 6  ? 2.660   -7.308  2.283   1.00 0.82 ? 6  DA A "H3'"  1 
ATOM   182 H "H2'"  . DA A 1 6  ? 2.180   -5.506  0.999   1.00 0.70 ? 6  DA A "H2'"  1 
ATOM   183 H "H2''" . DA A 1 6  ? 3.393   -6.132  -0.151  1.00 0.68 ? 6  DA A "H2''" 1 
ATOM   184 H "H1'"  . DA A 1 6  ? 1.800   -6.932  -1.577  1.00 0.61 ? 6  DA A "H1'"  1 
ATOM   185 H H8     . DA A 1 6  ? -0.550  -5.331  1.060   1.00 0.61 ? 6  DA A H8     1 
ATOM   186 H H61    . DA A 1 6  ? -2.224  -1.466  -3.410  1.00 0.52 ? 6  DA A H61    1 
ATOM   187 H H62    . DA A 1 6  ? -2.517  -1.976  -1.763  1.00 0.54 ? 6  DA A H62    1 
ATOM   188 H H2     . DA A 1 6  ? 1.062   -4.096  -5.007  1.00 0.54 ? 6  DA A H2     1 
HETATM 189 P P      . R  A 1 7  ? 5.243   -7.700  0.839   1.00 0.91 ? 7  R  A P      1 
HETATM 190 O OP1    . R  A 1 7  ? 6.221   -8.753  0.480   1.00 1.48 ? 7  R  A OP1    1 
HETATM 191 O OP2    . R  A 1 7  ? 5.428   -6.917  2.080   1.00 2.05 ? 7  R  A OP2    1 
HETATM 192 O "O5'"  . R  A 1 7  ? 5.130   -6.674  -0.393  1.00 0.77 ? 7  R  A "O5'"  1 
HETATM 193 C "C5'"  . R  A 1 7  ? 5.090   -7.160  -1.738  1.00 0.75 ? 7  R  A "C5'"  1 
HETATM 194 C "C4'"  . R  A 1 7  ? 5.080   -6.013  -2.740  1.00 0.70 ? 7  R  A "C4'"  1 
HETATM 195 O "O4'"  . R  A 1 7  ? 3.852   -5.252  -2.688  1.00 0.66 ? 7  R  A "O4'"  1 
HETATM 196 C "C3'"  . R  A 1 7  ? 6.220   -5.052  -2.452  1.00 0.69 ? 7  R  A "C3'"  1 
HETATM 197 O "O3'"  . R  A 1 7  ? 7.276   -5.236  -3.405  1.00 0.76 ? 7  R  A "O3'"  1 
HETATM 198 C "C2'"  . R  A 1 7  ? 5.601   -3.668  -2.524  1.00 0.66 ? 7  R  A "C2'"  1 
HETATM 199 C "C1'"  . R  A 1 7  ? 4.167   -3.878  -2.974  1.00 0.64 ? 7  R  A "C1'"  1 
HETATM 200 N N9     . R  A 1 7  ? 3.234   -2.948  -2.298  1.00 0.60 ? 7  R  A N9     1 
HETATM 201 C C8     . R  A 1 7  ? 2.835   -2.893  -1.005  1.00 0.60 ? 7  R  A C8     1 
HETATM 202 N N7     . R  A 1 7  ? 1.981   -1.981  -0.684  1.00 0.58 ? 7  R  A N7     1 
HETATM 203 C C5     . R  A 1 7  ? 1.774   -1.334  -1.908  1.00 0.56 ? 7  R  A C5     1 
HETATM 204 C C6     . R  A 1 7  ? 0.967   -0.246  -2.292  1.00 0.55 ? 7  R  A C6     1 
HETATM 205 N N6     . R  A 1 7  ? 0.134   0.420   -1.433  1.00 0.56 ? 7  R  A N6     1 
HETATM 206 N N1     . R  A 1 7  ? 1.027   0.124   -3.610  1.00 0.54 ? 7  R  A N1     1 
HETATM 207 C C2     . R  A 1 7  ? 1.814   -0.533  -4.462  1.00 0.54 ? 7  R  A C2     1 
HETATM 208 N N3     . R  A 1 7  ? 2.603   -1.562  -4.196  1.00 0.56 ? 7  R  A N3     1 
HETATM 209 C C4     . R  A 1 7  ? 2.536   -1.918  -2.895  1.00 0.57 ? 7  R  A C4     1 
HETATM 210 C CA     . R  A 1 7  ? 0.000   0.000   0.000   1.00 0.58 ? 7  R  A CA     1 
HETATM 211 C CB     . R  A 1 7  ? 0.397   1.149   0.925   1.00 0.63 ? 7  R  A CB     1 
HETATM 212 O OB     . R  A 1 7  ? 0.183   2.384   0.264   1.00 1.13 ? 7  R  A OB     1 
HETATM 213 C CJ     . R  A 1 7  ? -1.435  -0.393  0.274   1.00 0.56 ? 7  R  A CJ     1 
HETATM 214 C CO     . R  A 1 7  ? -2.480  0.500   0.007   1.00 0.57 ? 7  R  A CO     1 
HETATM 215 C "CO'"  . R  A 1 7  ? -1.714  -1.655  0.803   1.00 0.55 ? 7  R  A "CO'"  1 
HETATM 216 C CM     . R  A 1 7  ? -3.804  0.125   0.266   1.00 0.56 ? 7  R  A CM     1 
HETATM 217 C "CM'"  . R  A 1 7  ? -3.037  -2.030  1.061   1.00 0.55 ? 7  R  A "CM'"  1 
HETATM 218 C CP     . R  A 1 7  ? -4.082  -1.142  0.790   1.00 0.55 ? 7  R  A CP     1 
HETATM 219 H "H5'"  . R  A 1 7  ? 4.195   -7.769  -1.877  1.00 0.82 ? 7  R  A "H5'"  1 
HETATM 220 H "H5''" . R  A 1 7  ? 5.972   -7.777  -1.917  1.00 0.79 ? 7  R  A "H5''" 1 
HETATM 221 H "H4'"  . R  A 1 7  ? 5.204   -6.419  -3.743  1.00 0.76 ? 7  R  A "H4'"  1 
HETATM 222 H "H3'"  . R  A 1 7  ? 6.594   -5.225  -1.438  1.00 0.71 ? 7  R  A "H3'"  1 
HETATM 223 H "H2'"  . R  A 1 7  ? 5.618   -3.205  -1.536  1.00 0.67 ? 7  R  A "H2'"  1 
HETATM 224 H "H2''" . R  A 1 7  ? 6.136   -3.043  -3.239  1.00 0.72 ? 7  R  A "H2''" 1 
HETATM 225 H "H1'"  . R  A 1 7  ? 4.113   -3.718  -4.053  1.00 0.70 ? 7  R  A "H1'"  1 
HETATM 226 H H8     . R  A 1 7  ? 3.226   -3.590  -0.265  1.00 0.62 ? 7  R  A H8     1 
HETATM 227 H H6     . R  A 1 7  ? -0.413  1.196   -1.775  1.00 0.56 ? 7  R  A H6     1 
HETATM 228 H H2     . R  A 1 7  ? 1.807   -0.183  -5.494  1.00 0.54 ? 7  R  A H2     1 
HETATM 229 H HA     . R  A 1 7  ? 0.641   -0.845  0.190   1.00 0.59 ? 7  R  A HA     1 
HETATM 230 H HB1    . R  A 1 7  ? 1.439   1.047   1.196   1.00 1.04 ? 7  R  A HB1    1 
HETATM 231 H HB2    . R  A 1 7  ? -0.207  1.119   1.816   1.00 1.09 ? 7  R  A HB2    1 
HETATM 232 H HB     . R  A 1 7  ? 0.372   2.254   -0.672  1.00 1.55 ? 7  R  A HB     1 
HETATM 233 H HO     . R  A 1 7  ? -2.265  1.478   -0.402  1.00 0.59 ? 7  R  A HO     1 
HETATM 234 H "HO'"  . R  A 1 7  ? -0.908  -2.341  1.012   1.00 0.56 ? 7  R  A "HO'"  1 
HETATM 235 H HM     . R  A 1 7  ? -4.611  0.813   0.058   1.00 0.57 ? 7  R  A HM     1 
HETATM 236 H "HM'"  . R  A 1 7  ? -3.251  -3.009  1.464   1.00 0.55 ? 7  R  A "HM'"  1 
HETATM 237 H HP     . R  A 1 7  ? -5.103  -1.431  0.990   1.00 0.55 ? 7  R  A HP     1 
ATOM   238 P P      . DG A 1 8  ? 8.436   -4.140  -3.565  1.00 1.28 ? 8  DG A P      1 
ATOM   239 O OP1    . DG A 1 8  ? 9.412   -4.624  -4.569  1.00 1.75 ? 8  DG A OP1    1 
ATOM   240 O OP2    . DG A 1 8  ? 8.897   -3.744  -2.218  1.00 2.29 ? 8  DG A OP2    1 
ATOM   241 O "O5'"  . DG A 1 8  ? 7.623   -2.910  -4.192  1.00 1.12 ? 8  DG A "O5'"  1 
ATOM   242 C "C5'"  . DG A 1 8  ? 7.379   -2.832  -5.592  1.00 1.09 ? 8  DG A "C5'"  1 
ATOM   243 C "C4'"  . DG A 1 8  ? 7.234   -1.384  -6.015  1.00 0.88 ? 8  DG A "C4'"  1 
ATOM   244 O "O4'"  . DG A 1 8  ? 5.985   -0.825  -5.563  1.00 0.78 ? 8  DG A "O4'"  1 
ATOM   245 C "C3'"  . DG A 1 8  ? 8.361   -0.555  -5.425  1.00 0.86 ? 8  DG A "C3'"  1 
ATOM   246 O "O3'"  . DG A 1 8  ? 9.269   -0.188  -6.486  1.00 0.89 ? 8  DG A "O3'"  1 
ATOM   247 C "C2'"  . DG A 1 8  ? 7.684   0.615   -4.733  1.00 0.72 ? 8  DG A "C2'"  1 
ATOM   248 C "C1'"  . DG A 1 8  ? 6.210   0.516   -5.100  1.00 0.64 ? 8  DG A "C1'"  1 
ATOM   249 N N9     . DG A 1 8  ? 5.305   0.843   -3.972  1.00 0.60 ? 8  DG A N9     1 
ATOM   250 C C8     . DG A 1 8  ? 5.116   0.223   -2.775  1.00 0.61 ? 8  DG A C8     1 
ATOM   251 N N7     . DG A 1 8  ? 4.195   0.693   -1.997  1.00 0.59 ? 8  DG A N7     1 
ATOM   252 C C5     . DG A 1 8  ? 3.697   1.759   -2.755  1.00 0.58 ? 8  DG A C5     1 
ATOM   253 C C6     . DG A 1 8  ? 2.661   2.688   -2.458  1.00 0.57 ? 8  DG A C6     1 
ATOM   254 O O6     . DG A 1 8  ? 1.961   2.757   -1.452  1.00 0.59 ? 8  DG A O6     1 
ATOM   255 N N1     . DG A 1 8  ? 2.484   3.600   -3.488  1.00 0.56 ? 8  DG A N1     1 
ATOM   256 C C2     . DG A 1 8  ? 3.210   3.625   -4.662  1.00 0.56 ? 8  DG A C2     1 
ATOM   257 N N2     . DG A 1 8  ? 2.904   4.586   -5.532  1.00 0.56 ? 8  DG A N2     1 
ATOM   258 N N3     . DG A 1 8  ? 4.184   2.759   -4.946  1.00 0.57 ? 8  DG A N3     1 
ATOM   259 C C4     . DG A 1 8  ? 4.378   1.860   -3.957  1.00 0.58 ? 8  DG A C4     1 
ATOM   260 H "H5'"  . DG A 1 8  ? 6.464   -3.376  -5.835  1.00 1.16 ? 8  DG A "H5'"  1 
ATOM   261 H "H5''" . DG A 1 8  ? 8.216   -3.281  -6.129  1.00 1.22 ? 8  DG A "H5''" 1 
ATOM   262 H "H4'"  . DG A 1 8  ? 7.282   -1.326  -7.100  1.00 0.89 ? 8  DG A "H4'"  1 
ATOM   263 H "H3'"  . DG A 1 8  ? 8.888   -1.156  -4.677  1.00 1.01 ? 8  DG A "H3'"  1 
ATOM   264 H "H2'"  . DG A 1 8  ? 7.807   0.527   -3.649  1.00 0.78 ? 8  DG A "H2'"  1 
ATOM   265 H "H2''" . DG A 1 8  ? 8.098   1.559   -5.078  1.00 0.70 ? 8  DG A "H2''" 1 
ATOM   266 H "H1'"  . DG A 1 8  ? 6.015   1.207   -5.919  1.00 0.62 ? 8  DG A "H1'"  1 
ATOM   267 H H8     . DG A 1 8  ? 5.716   -0.639  -2.484  1.00 0.63 ? 8  DG A H8     1 
ATOM   268 H H1     . DG A 1 8  ? 1.761   4.291   -3.347  1.00 0.57 ? 8  DG A H1     1 
ATOM   269 H H21    . DG A 1 8  ? 2.166   5.243   -5.320  1.00 0.56 ? 8  DG A H21    1 
ATOM   270 H H22    . DG A 1 8  ? 3.410   4.659   -6.402  1.00 0.56 ? 8  DG A H22    1 
ATOM   271 P P      . DA A 1 9  ? 9.882   1.289   -6.680  1.00 1.09 ? 9  DA A P      1 
ATOM   272 O OP1    . DA A 1 9  ? 10.762  1.265   -7.865  1.00 1.44 ? 9  DA A OP1    1 
ATOM   273 O OP2    . DA A 1 9  ? 10.402  1.754   -5.376  1.00 2.30 ? 9  DA A OP2    1 
ATOM   274 O "O5'"  . DA A 1 9  ? 8.584   2.160   -7.054  1.00 0.93 ? 9  DA A "O5'"  1 
ATOM   275 C "C5'"  . DA A 1 9  ? 8.563   3.007   -8.211  1.00 0.92 ? 9  DA A "C5'"  1 
ATOM   276 C "C4'"  . DA A 1 9  ? 8.324   4.461   -7.824  1.00 0.81 ? 9  DA A "C4'"  1 
ATOM   277 O "O4'"  . DA A 1 9  ? 7.262   4.571   -6.856  1.00 0.70 ? 9  DA A "O4'"  1 
ATOM   278 C "C3'"  . DA A 1 9  ? 9.579   5.076   -7.211  1.00 0.76 ? 9  DA A "C3'"  1 
ATOM   279 O "O3'"  . DA A 1 9  ? 9.991   6.211   -7.993  1.00 0.83 ? 9  DA A "O3'"  1 
ATOM   280 C "C2'"  . DA A 1 9  ? 9.191   5.479   -5.816  1.00 0.65 ? 9  DA A "C2'"  1 
ATOM   281 C "C1'"  . DA A 1 9  ? 7.680   5.431   -5.782  1.00 0.61 ? 9  DA A "C1'"  1 
ATOM   282 N N9     . DA A 1 9  ? 7.168   4.963   -4.476  1.00 0.54 ? 9  DA A N9     1 
ATOM   283 C C8     . DA A 1 9  ? 7.643   4.008   -3.632  1.00 0.54 ? 9  DA A C8     1 
ATOM   284 N N7     . DA A 1 9  ? 6.989   3.803   -2.535  1.00 0.53 ? 9  DA A N7     1 
ATOM   285 C C5     . DA A 1 9  ? 5.946   4.727   -2.654  1.00 0.49 ? 9  DA A C5     1 
ATOM   286 C C6     . DA A 1 9  ? 4.864   5.048   -1.825  1.00 0.49 ? 9  DA A C6     1 
ATOM   287 N N6     . DA A 1 9  ? 4.648   4.462   -0.648  1.00 0.53 ? 9  DA A N6     1 
ATOM   288 N N1     . DA A 1 9  ? 4.021   6.009   -2.251  1.00 0.49 ? 9  DA A N1     1 
ATOM   289 C C2     . DA A 1 9  ? 4.229   6.621   -3.417  1.00 0.52 ? 9  DA A C2     1 
ATOM   290 N N3     . DA A 1 9  ? 5.219   6.399   -4.274  1.00 0.53 ? 9  DA A N3     1 
ATOM   291 C C4     . DA A 1 9  ? 6.048   5.434   -3.830  1.00 0.50 ? 9  DA A C4     1 
ATOM   292 H "H5'"  . DA A 1 9  ? 7.769   2.682   -8.881  1.00 0.97 ? 9  DA A "H5'"  1 
ATOM   293 H "H5''" . DA A 1 9  ? 9.519   2.935   -8.734  1.00 0.97 ? 9  DA A "H5''" 1 
ATOM   294 H "H4'"  . DA A 1 9  ? 8.049   5.035   -8.716  1.00 0.88 ? 9  DA A "H4'"  1 
ATOM   295 H "H3'"  . DA A 1 9  ? 10.376  4.331   -7.181  1.00 0.80 ? 9  DA A "H3'"  1 
ATOM   296 H "H2'"  . DA A 1 9  ? 9.616   4.782   -5.098  1.00 0.63 ? 9  DA A "H2'"  1 
ATOM   297 H "H2''" . DA A 1 9  ? 9.539   6.491   -5.610  1.00 0.67 ? 9  DA A "H2''" 1 
ATOM   298 H "H1'"  . DA A 1 9  ? 7.296   6.433   -5.970  1.00 0.62 ? 9  DA A "H1'"  1 
ATOM   299 H H8     . DA A 1 9  ? 8.540   3.433   -3.870  1.00 0.58 ? 9  DA A H8     1 
ATOM   300 H H61    . DA A 1 9  ? 3.849   4.729   -0.089  1.00 0.55 ? 9  DA A H61    1 
ATOM   301 H H62    . DA A 1 9  ? 5.289   3.761   -0.308  1.00 0.58 ? 9  DA A H62    1 
ATOM   302 H H2     . DA A 1 9  ? 3.505   7.387   -3.698  1.00 0.56 ? 9  DA A H2     1 
ATOM   303 P P      . DA A 1 10 ? 11.040  7.316   -7.460  1.00 0.86 ? 10 DA A P      1 
ATOM   304 O OP1    . DA A 1 10 ? 11.393  8.181   -8.616  1.00 1.38 ? 10 DA A OP1    1 
ATOM   305 O OP2    . DA A 1 10 ? 12.104  6.636   -6.692  1.00 1.73 ? 10 DA A OP2    1 
ATOM   306 O "O5'"  . DA A 1 10 ? 10.177  8.196   -6.419  1.00 0.84 ? 10 DA A "O5'"  1 
ATOM   307 C "C5'"  . DA A 1 10 ? 9.208   9.117   -6.908  1.00 0.91 ? 10 DA A "C5'"  1 
ATOM   308 C "C4'"  . DA A 1 10 ? 8.534   9.903   -5.788  1.00 0.91 ? 10 DA A "C4'"  1 
ATOM   309 O "O4'"  . DA A 1 10 ? 7.781   9.040   -4.907  1.00 0.77 ? 10 DA A "O4'"  1 
ATOM   310 C "C3'"  . DA A 1 10 ? 9.568   10.633  -4.937  1.00 1.00 ? 10 DA A "C3'"  1 
ATOM   311 O "O3'"  . DA A 1 10 ? 9.486   12.047  -5.143  1.00 1.16 ? 10 DA A "O3'"  1 
ATOM   312 C "C2'"  . DA A 1 10 ? 9.240   10.270  -3.507  1.00 0.92 ? 10 DA A "C2'"  1 
ATOM   313 C "C1'"  . DA A 1 10 ? 7.926   9.523   -3.559  1.00 0.78 ? 10 DA A "C1'"  1 
ATOM   314 N N9     . DA A 1 10 ? 7.880   8.425   -2.576  1.00 0.67 ? 10 DA A N9     1 
ATOM   315 C C8     . DA A 1 10 ? 8.690   7.348   -2.423  1.00 0.66 ? 10 DA A C8     1 
ATOM   316 N N7     . DA A 1 10 ? 8.424   6.535   -1.451  1.00 0.65 ? 10 DA A N7     1 
ATOM   317 C C5     . DA A 1 10 ? 7.299   7.139   -0.879  1.00 0.61 ? 10 DA A C5     1 
ATOM   318 C C6     . DA A 1 10 ? 6.487   6.799   0.209   1.00 0.62 ? 10 DA A C6     1 
ATOM   319 N N6     . DA A 1 10 ? 6.694   5.722   0.968   1.00 0.69 ? 10 DA A N6     1 
ATOM   320 N N1     . DA A 1 10 ? 5.458   7.618   0.492   1.00 0.60 ? 10 DA A N1     1 
ATOM   321 C C2     . DA A 1 10 ? 5.238   8.707   -0.244  1.00 0.61 ? 10 DA A C2     1 
ATOM   322 N N3     . DA A 1 10 ? 5.938   9.121   -1.290  1.00 0.65 ? 10 DA A N3     1 
ATOM   323 C C4     . DA A 1 10 ? 6.963   8.287   -1.558  1.00 0.63 ? 10 DA A C4     1 
ATOM   324 H "H5'"  . DA A 1 10 ? 8.453   8.561   -7.457  1.00 0.90 ? 10 DA A "H5'"  1 
ATOM   325 H "H5''" . DA A 1 10 ? 9.700   9.817   -7.584  1.00 1.01 ? 10 DA A "H5''" 1 
ATOM   326 H "H4'"  . DA A 1 10 ? 7.861   10.634  -6.228  1.00 1.00 ? 10 DA A "H4'"  1 
ATOM   327 H "H3'"  . DA A 1 10 ? 10.568  10.275  -5.187  1.00 1.02 ? 10 DA A "H3'"  1 
ATOM   328 H "H2'"  . DA A 1 10 ? 10.020  9.627   -3.099  1.00 0.91 ? 10 DA A "H2'"  1 
ATOM   329 H "H2''" . DA A 1 10 ? 9.136   11.167  -2.900  1.00 1.00 ? 10 DA A "H2''" 1 
ATOM   330 H "H1'"  . DA A 1 10 ? 7.114   10.224  -3.348  1.00 0.82 ? 10 DA A "H1'"  1 
ATOM   331 H H8     . DA A 1 10 ? 9.528   7.171   -3.096  1.00 0.70 ? 10 DA A H8     1 
ATOM   332 H H61    . DA A 1 10 ? 6.075   5.525   1.742   1.00 0.73 ? 10 DA A H61    1 
ATOM   333 H H62    . DA A 1 10 ? 7.470   5.107   0.771   1.00 0.75 ? 10 DA A H62    1 
ATOM   334 H H2     . DA A 1 10 ? 4.385   9.324   0.045   1.00 0.64 ? 10 DA A H2     1 
ATOM   335 P P      . DG A 1 11 ? 10.440  13.068  -4.338  1.00 1.32 ? 11 DG A P      1 
ATOM   336 O OP1    . DG A 1 11 ? 10.536  14.323  -5.123  1.00 1.81 ? 11 DG A OP1    1 
ATOM   337 O OP2    . DG A 1 11 ? 11.678  12.352  -3.947  1.00 1.97 ? 11 DG A OP2    1 
ATOM   338 O "O5'"  . DG A 1 11 ? 9.597   13.368  -3.001  1.00 1.31 ? 11 DG A "O5'"  1 
ATOM   339 C "C5'"  . DG A 1 11 ? 8.477   14.253  -3.028  1.00 1.36 ? 11 DG A "C5'"  1 
ATOM   340 C "C4'"  . DG A 1 11 ? 7.950   14.527  -1.623  1.00 1.35 ? 11 DG A "C4'"  1 
ATOM   341 O "O4'"  . DG A 1 11 ? 7.391   13.326  -1.040  1.00 1.17 ? 11 DG A "O4'"  1 
ATOM   342 C "C3'"  . DG A 1 11 ? 9.071   15.019  -0.710  1.00 1.48 ? 11 DG A "C3'"  1 
ATOM   343 O "O3'"  . DG A 1 11 ? 8.775   16.320  -0.202  1.00 1.60 ? 11 DG A "O3'"  1 
ATOM   344 C "C2'"  . DG A 1 11 ? 9.151   14.010  0.405   1.00 1.38 ? 11 DG A "C2'"  1 
ATOM   345 C "C1'"  . DG A 1 11 ? 7.895   13.165  0.300   1.00 1.18 ? 11 DG A "C1'"  1 
ATOM   346 N N9     . DG A 1 11 ? 8.169   11.747  0.607   1.00 1.09 ? 11 DG A N9     1 
ATOM   347 C C8     . DG A 1 11 ? 9.053   10.884  0.046   1.00 1.10 ? 11 DG A C8     1 
ATOM   348 N N7     . DG A 1 11 ? 9.109   9.688   0.531   1.00 1.05 ? 11 DG A N7     1 
ATOM   349 C C5     . DG A 1 11 ? 8.149   9.746   1.546   1.00 0.99 ? 11 DG A C5     1 
ATOM   350 C C6     . DG A 1 11 ? 7.726   8.745   2.461   1.00 0.98 ? 11 DG A C6     1 
ATOM   351 O O6     . DG A 1 11 ? 8.126   7.588   2.568   1.00 1.02 ? 11 DG A O6     1 
ATOM   352 N N1     . DG A 1 11 ? 6.738   9.220   3.314   1.00 0.94 ? 11 DG A N1     1 
ATOM   353 C C2     . DG A 1 11 ? 6.215   10.500  3.292   1.00 0.92 ? 11 DG A C2     1 
ATOM   354 N N2     . DG A 1 11 ? 5.265   10.768  4.186   1.00 0.89 ? 11 DG A N2     1 
ATOM   355 N N3     . DG A 1 11 ? 6.606   11.443  2.435   1.00 0.96 ? 11 DG A N3     1 
ATOM   356 C C4     . DG A 1 11 ? 7.569   11.004  1.596   1.00 1.00 ? 11 DG A C4     1 
ATOM   357 H "H5'"  . DG A 1 11 ? 7.683   13.804  -3.625  1.00 1.29 ? 11 DG A "H5'"  1 
ATOM   358 H "H5''" . DG A 1 11 ? 8.777   15.195  -3.485  1.00 1.51 ? 11 DG A "H5''" 1 
ATOM   359 H "H4'"  . DG A 1 11 ? 7.170   15.289  -1.677  1.00 1.40 ? 11 DG A "H4'"  1 
ATOM   360 H "H3'"  . DG A 1 11 ? 10.006  15.039  -1.261  1.00 1.56 ? 11 DG A "H3'"  1 
ATOM   361 H "HO3'" . DG A 1 11 ? 7.820   16.460  -0.307  1.00 1.51 ? 11 DG A "HO3'" 1 
ATOM   362 H "H2'"  . DG A 1 11 ? 10.032  13.383  0.272   1.00 1.40 ? 11 DG A "H2'"  1 
ATOM   363 H "H2''" . DG A 1 11 ? 9.186   14.510  1.374   1.00 1.44 ? 11 DG A "H2''" 1 
ATOM   364 H "H1'"  . DG A 1 11 ? 7.154   13.546  1.004   1.00 1.16 ? 11 DG A "H1'"  1 
ATOM   365 H H8     . DG A 1 11 ? 9.691   11.188  -0.785  1.00 1.18 ? 11 DG A H8     1 
ATOM   366 H H1     . DG A 1 11 ? 6.392   8.562   3.996   1.00 0.96 ? 11 DG A H1     1 
ATOM   367 H H21    . DG A 1 11 ? 4.970   10.057  4.839   1.00 0.90 ? 11 DG A H21    1 
ATOM   368 H H22    . DG A 1 11 ? 4.844   11.687  4.215   1.00 0.88 ? 11 DG A H22    1 
ATOM   369 O "O5'"  . DC B 2 1  ? 5.049   5.675   10.915  1.00 1.85 ? 12 DC B "O5'"  1 
ATOM   370 C "C5'"  . DC B 2 1  ? 4.954   6.940   11.577  1.00 1.86 ? 12 DC B "C5'"  1 
ATOM   371 C "C4'"  . DC B 2 1  ? 4.375   8.017   10.658  1.00 1.64 ? 12 DC B "C4'"  1 
ATOM   372 O "O4'"  . DC B 2 1  ? 5.228   8.205   9.505   1.00 1.52 ? 12 DC B "O4'"  1 
ATOM   373 C "C3'"  . DC B 2 1  ? 2.999   7.607   10.145  1.00 1.54 ? 12 DC B "C3'"  1 
ATOM   374 O "O3'"  . DC B 2 1  ? 2.066   8.738   10.137  1.00 1.48 ? 12 DC B "O3'"  1 
ATOM   375 C "C2'"  . DC B 2 1  ? 3.255   7.126   8.745   1.00 1.37 ? 12 DC B "C2'"  1 
ATOM   376 C "C1'"  . DC B 2 1  ? 4.487   7.886   8.308   1.00 1.33 ? 12 DC B "C1'"  1 
ATOM   377 N N1     . DC B 2 1  ? 5.305   7.122   7.353   1.00 1.29 ? 12 DC B N1     1 
ATOM   378 C C2     . DC B 2 1  ? 5.486   7.691   6.109   1.00 1.13 ? 12 DC B C2     1 
ATOM   379 O O2     . DC B 2 1  ? 4.944   8.758   5.836   1.00 1.04 ? 12 DC B O2     1 
ATOM   380 N N3     . DC B 2 1  ? 6.259   7.038   5.207   1.00 1.11 ? 12 DC B N3     1 
ATOM   381 C C4     . DC B 2 1  ? 6.831   5.873   5.506   1.00 1.22 ? 12 DC B C4     1 
ATOM   382 N N4     . DC B 2 1  ? 7.585   5.272   4.588   1.00 1.20 ? 12 DC B N4     1 
ATOM   383 C C5     . DC B 2 1  ? 6.648   5.268   6.793   1.00 1.37 ? 12 DC B C5     1 
ATOM   384 C C6     . DC B 2 1  ? 5.878   5.924   7.687   1.00 1.41 ? 12 DC B C6     1 
ATOM   385 H "H5'"  . DC B 2 1  ? 5.957   7.248   11.909  1.00 1.94 ? 12 DC B "H5'"  1 
ATOM   386 H "H5''" . DC B 2 1  ? 4.317   6.834   12.451  1.00 1.95 ? 12 DC B "H5''" 1 
ATOM   387 H "H4'"  . DC B 2 1  ? 4.295   8.951   11.204  1.00 1.65 ? 12 DC B "H4'"  1 
ATOM   388 H "H3'"  . DC B 2 1  ? 2.606   6.776   10.756  1.00 1.66 ? 12 DC B "H3'"  1 
ATOM   389 H "H2'"  . DC B 2 1  ? 3.449   6.049   8.737   1.00 1.42 ? 12 DC B "H2'"  1 
ATOM   390 H "H2''" . DC B 2 1  ? 2.409   7.364   8.104   1.00 1.25 ? 12 DC B "H2''" 1 
ATOM   391 H "H1'"  . DC B 2 1  ? 4.165   8.813   7.836   1.00 1.22 ? 12 DC B "H1'"  1 
ATOM   392 H H41    . DC B 2 1  ? 7.713   5.703   3.684   1.00 1.11 ? 12 DC B H41    1 
ATOM   393 H H42    . DC B 2 1  ? 8.027   4.387   4.793   1.00 1.28 ? 12 DC B H42    1 
ATOM   394 H H5     . DC B 2 1  ? 7.111   4.312   7.040   1.00 1.47 ? 12 DC B H5     1 
ATOM   395 H H6     . DC B 2 1  ? 5.705   5.494   8.674   1.00 1.54 ? 12 DC B H6     1 
ATOM   396 H "HO5'" . DC B 2 1  ? 5.950   5.341   11.061  1.00 2.05 ? 12 DC B "HO5'" 1 
ATOM   397 P P      . DT B 2 2  ? 0.459   8.457   10.093  1.00 1.37 ? 13 DT B P      1 
ATOM   398 O OP1    . DT B 2 2  ? -0.618  8.358   9.064   1.00 1.97 ? 13 DT B OP1    1 
ATOM   399 O OP2    . DT B 2 2  ? 0.621   7.100   10.653  1.00 1.85 ? 13 DT B OP2    1 
ATOM   400 O "O5'"  . DT B 2 2  ? 1.068   8.900   8.636   1.00 1.17 ? 13 DT B "O5'"  1 
ATOM   401 C "C5'"  . DT B 2 2  ? 0.938   10.312  8.212   1.00 1.10 ? 13 DT B "C5'"  1 
ATOM   402 C "C4'"  . DT B 2 2  ? 0.681   10.545  6.706   1.00 0.91 ? 13 DT B "C4'"  1 
ATOM   403 O "O4'"  . DT B 2 2  ? 1.807   10.115  5.916   1.00 0.85 ? 13 DT B "O4'"  1 
ATOM   404 C "C3'"  . DT B 2 2  ? -0.565  9.817   6.197   1.00 0.87 ? 13 DT B "C3'"  1 
ATOM   405 O "O3'"  . DT B 2 2  ? -1.555  10.751  5.701   1.00 0.80 ? 13 DT B "O3'"  1 
ATOM   406 C "C2'"  . DT B 2 2  ? -0.043  8.912   5.107   1.00 0.78 ? 13 DT B "C2'"  1 
ATOM   407 C "C1'"  . DT B 2 2  ? 1.322   9.459   4.748   1.00 0.73 ? 13 DT B "C1'"  1 
ATOM   408 N N1     . DT B 2 2  ? 2.242   8.390   4.315   1.00 0.73 ? 13 DT B N1     1 
ATOM   409 C C2     . DT B 2 2  ? 2.933   8.584   3.138   1.00 0.64 ? 13 DT B C2     1 
ATOM   410 O O2     . DT B 2 2  ? 2.785   9.591   2.450   1.00 0.56 ? 13 DT B O2     1 
ATOM   411 N N3     . DT B 2 2  ? 3.787   7.570   2.766   1.00 0.67 ? 13 DT B N3     1 
ATOM   412 C C4     . DT B 2 2  ? 4.012   6.395   3.459   1.00 0.78 ? 13 DT B C4     1 
ATOM   413 O O4     . DT B 2 2  ? 4.805   5.563   3.033   1.00 0.82 ? 13 DT B O4     1 
ATOM   414 C C5     . DT B 2 2  ? 3.241   6.285   4.676   1.00 0.89 ? 13 DT B C5     1 
ATOM   415 C C7     . DT B 2 2  ? 3.375   5.040   5.546   1.00 1.06 ? 13 DT B C7     1 
ATOM   416 C C6     . DT B 2 2  ? 2.404   7.258   5.065   1.00 0.86 ? 13 DT B C6     1 
ATOM   417 H "H5'"  . DT B 2 2  ? 1.855   10.844  8.473   1.00 1.15 ? 13 DT B "H5'"  1 
ATOM   418 H "H5''" . DT B 2 2  ? 0.112   10.763  8.764   1.00 1.14 ? 13 DT B "H5''" 1 
ATOM   419 H "H4'"  . DT B 2 2  ? 0.540   11.620  6.535   1.00 0.87 ? 13 DT B "H4'"  1 
ATOM   420 H "H3'"  . DT B 2 2  ? -0.989  9.218   7.002   1.00 0.99 ? 13 DT B "H3'"  1 
ATOM   421 H "H2'"  . DT B 2 2  ? 0.052   7.900   5.496   1.00 0.88 ? 13 DT B "H2'"  1 
ATOM   422 H "H2''" . DT B 2 2  ? -0.702  8.916   4.237   1.00 0.71 ? 13 DT B "H2''" 1 
ATOM   423 H "H1'"  . DT B 2 2  ? 1.219   10.187  3.942   1.00 0.63 ? 13 DT B "H1'"  1 
ATOM   424 H H3     . DT B 2 2  ? 4.303   7.697   1.907   1.00 0.63 ? 13 DT B H3     1 
ATOM   425 H H71    . DT B 2 2  ? 4.192   5.176   6.247   1.00 1.56 ? 13 DT B H71    1 
ATOM   426 H H72    . DT B 2 2  ? 3.577   4.178   4.914   1.00 1.26 ? 13 DT B H72    1 
ATOM   427 H H73    . DT B 2 2  ? 2.449   4.883   6.094   1.00 1.56 ? 13 DT B H73    1 
ATOM   428 H H6     . DT B 2 2  ? 1.839   7.140   5.990   1.00 0.95 ? 13 DT B H6     1 
ATOM   429 P P      . DT B 2 3  ? -2.730  10.281  4.680   1.00 0.78 ? 14 DT B P      1 
ATOM   430 O OP1    . DT B 2 3  ? -3.848  11.261  4.729   1.00 1.51 ? 14 DT B OP1    1 
ATOM   431 O OP2    . DT B 2 3  ? -3.004  8.851   4.961   1.00 1.56 ? 14 DT B OP2    1 
ATOM   432 O "O5'"  . DT B 2 3  ? -2.017  10.402  3.219   1.00 0.67 ? 14 DT B "O5'"  1 
ATOM   433 C "C5'"  . DT B 2 3  ? -1.814  11.684  2.580   1.00 0.64 ? 14 DT B "C5'"  1 
ATOM   434 C "C4'"  . DT B 2 3  ? -1.475  11.554  1.089   1.00 0.59 ? 14 DT B "C4'"  1 
ATOM   435 O "O4'"  . DT B 2 3  ? -0.207  10.884  0.906   1.00 0.53 ? 14 DT B "O4'"  1 
ATOM   436 C "C3'"  . DT B 2 3  ? -2.540  10.762  0.333   1.00 0.65 ? 14 DT B "C3'"  1 
ATOM   437 O "O3'"  . DT B 2 3  ? -3.167  11.575  -0.679  1.00 0.75 ? 14 DT B "O3'"  1 
ATOM   438 C "C2'"  . DT B 2 3  ? -1.804  9.593   -0.279  1.00 0.59 ? 14 DT B "C2'"  1 
ATOM   439 C "C1'"  . DT B 2 3  ? -0.327  9.907   -0.143  1.00 0.51 ? 14 DT B "C1'"  1 
ATOM   440 N N1     . DT B 2 3  ? 0.447   8.688   0.163   1.00 0.48 ? 14 DT B N1     1 
ATOM   441 C C2     . DT B 2 3  ? 1.448   8.327   -0.720  1.00 0.47 ? 14 DT B C2     1 
ATOM   442 O O2     . DT B 2 3  ? 1.713   8.988   -1.716  1.00 0.50 ? 14 DT B O2     1 
ATOM   443 N N3     . DT B 2 3  ? 2.130   7.167   -0.412  1.00 0.47 ? 14 DT B N3     1 
ATOM   444 C C4     . DT B 2 3  ? 1.908   6.350   0.680   1.00 0.52 ? 14 DT B C4     1 
ATOM   445 O O4     . DT B 2 3  ? 2.576   5.336   0.848   1.00 0.57 ? 14 DT B O4     1 
ATOM   446 C C5     . DT B 2 3  ? 0.845   6.811   1.544   1.00 0.55 ? 14 DT B C5     1 
ATOM   447 C C7     . DT B 2 3  ? 0.476   5.996   2.781   1.00 0.68 ? 14 DT B C7     1 
ATOM   448 C C6     . DT B 2 3  ? 0.162   7.936   1.272   1.00 0.52 ? 14 DT B C6     1 
ATOM   449 H "H5'"  . DT B 2 3  ? -0.993  12.201  3.078   1.00 0.64 ? 14 DT B "H5'"  1 
ATOM   450 H "H5''" . DT B 2 3  ? -2.720  12.280  2.684   1.00 0.70 ? 14 DT B "H5''" 1 
ATOM   451 H "H4'"  . DT B 2 3  ? -1.407  12.552  0.653   1.00 0.62 ? 14 DT B "H4'"  1 
ATOM   452 H "H3'"  . DT B 2 3  ? -3.291  10.393  1.036   1.00 0.71 ? 14 DT B "H3'"  1 
ATOM   453 H "H2'"  . DT B 2 3  ? -2.045  8.686   0.273   1.00 0.60 ? 14 DT B "H2'"  1 
ATOM   454 H "H2''" . DT B 2 3  ? -2.071  9.479   -1.327  1.00 0.63 ? 14 DT B "H2''" 1 
ATOM   455 H "H1'"  . DT B 2 3  ? 0.034   10.337  -1.076  1.00 0.53 ? 14 DT B "H1'"  1 
ATOM   456 H H3     . DT B 2 3  ? 2.861   6.884   -1.052  1.00 0.49 ? 14 DT B H3     1 
ATOM   457 H H71    . DT B 2 3  ? -0.476  5.497   2.612   1.00 1.30 ? 14 DT B H71    1 
ATOM   458 H H72    . DT B 2 3  ? 0.392   6.661   3.639   1.00 1.04 ? 14 DT B H72    1 
ATOM   459 H H73    . DT B 2 3  ? 1.249   5.252   2.971   1.00 1.19 ? 14 DT B H73    1 
ATOM   460 H H6     . DT B 2 3  ? -0.634  8.253   1.947   1.00 0.57 ? 14 DT B H6     1 
ATOM   461 P P      . DC B 2 4  ? -4.123  10.910  -1.801  1.00 0.80 ? 15 DC B P      1 
ATOM   462 O OP1    . DC B 2 4  ? -4.845  11.991  -2.514  1.00 1.52 ? 15 DC B OP1    1 
ATOM   463 O OP2    . DC B 2 4  ? -4.892  9.818   -1.158  1.00 1.50 ? 15 DC B OP2    1 
ATOM   464 O "O5'"  . DC B 2 4  ? -3.061  10.248  -2.824  1.00 0.91 ? 15 DC B "O5'"  1 
ATOM   465 C "C5'"  . DC B 2 4  ? -2.230  11.073  -3.661  1.00 0.77 ? 15 DC B "C5'"  1 
ATOM   466 C "C4'"  . DC B 2 4  ? -1.712  10.306  -4.878  1.00 0.70 ? 15 DC B "C4'"  1 
ATOM   467 O "O4'"  . DC B 2 4  ? -0.701  9.349   -4.491  1.00 0.72 ? 15 DC B "O4'"  1 
ATOM   468 C "C3'"  . DC B 2 4  ? -2.842  9.549   -5.562  1.00 0.67 ? 15 DC B "C3'"  1 
ATOM   469 O "O3'"  . DC B 2 4  ? -2.846  9.819   -6.974  1.00 0.68 ? 15 DC B "O3'"  1 
ATOM   470 C "C2'"  . DC B 2 4  ? -2.572  8.091   -5.273  1.00 0.63 ? 15 DC B "C2'"  1 
ATOM   471 C "C1'"  . DC B 2 4  ? -1.122  8.011   -4.826  1.00 0.63 ? 15 DC B "C1'"  1 
ATOM   472 N N1     . DC B 2 4  ? -0.953  7.109   -3.666  1.00 0.63 ? 15 DC B N1     1 
ATOM   473 C C2     . DC B 2 4  ? 0.108   6.216   -3.703  1.00 0.61 ? 15 DC B C2     1 
ATOM   474 O O2     . DC B 2 4  ? 0.851   6.176   -4.682  1.00 0.59 ? 15 DC B O2     1 
ATOM   475 N N3     . DC B 2 4  ? 0.297   5.393   -2.639  1.00 0.62 ? 15 DC B N3     1 
ATOM   476 C C4     . DC B 2 4  ? -0.517  5.443   -1.580  1.00 0.65 ? 15 DC B C4     1 
ATOM   477 N N4     . DC B 2 4  ? -0.295  4.629   -0.552  1.00 0.67 ? 15 DC B N4     1 
ATOM   478 C C5     . DC B 2 4  ? -1.613  6.357   -1.533  1.00 0.68 ? 15 DC B C5     1 
ATOM   479 C C6     . DC B 2 4  ? -1.795  7.170   -2.590  1.00 0.67 ? 15 DC B C6     1 
ATOM   480 H "H5'"  . DC B 2 4  ? -1.378  11.429  -3.078  1.00 0.79 ? 15 DC B "H5'"  1 
ATOM   481 H "H5''" . DC B 2 4  ? -2.806  11.935  -4.003  1.00 1.09 ? 15 DC B "H5''" 1 
ATOM   482 H "H4'"  . DC B 2 4  ? -1.279  11.013  -5.587  1.00 0.70 ? 15 DC B "H4'"  1 
ATOM   483 H "H3'"  . DC B 2 4  ? -3.801  9.840   -5.119  1.00 0.71 ? 15 DC B "H3'"  1 
ATOM   484 H "H2'"  . DC B 2 4  ? -3.230  7.748   -4.474  1.00 0.65 ? 15 DC B "H2'"  1 
ATOM   485 H "H2''" . DC B 2 4  ? -2.724  7.487   -6.164  1.00 0.61 ? 15 DC B "H2''" 1 
ATOM   486 H "H1'"  . DC B 2 4  ? -0.518  7.642   -5.655  1.00 0.60 ? 15 DC B "H1'"  1 
ATOM   487 H H41    . DC B 2 4  ? 0.476   3.976   -0.584  1.00 0.66 ? 15 DC B H41    1 
ATOM   488 H H42    . DC B 2 4  ? -0.897  4.659   0.256   1.00 0.71 ? 15 DC B H42    1 
ATOM   489 H H5     . DC B 2 4  ? -2.281  6.392   -0.673  1.00 0.72 ? 15 DC B H5     1 
ATOM   490 H H6     . DC B 2 4  ? -2.620  7.880   -2.587  1.00 0.70 ? 15 DC B H6     1 
ATOM   491 P P      . DT B 2 5  ? -3.601  8.843   -8.016  1.00 0.65 ? 16 DT B P      1 
ATOM   492 O OP1    . DT B 2 5  ? -3.613  9.495   -9.343  1.00 1.44 ? 16 DT B OP1    1 
ATOM   493 O OP2    . DT B 2 5  ? -4.877  8.411   -7.401  1.00 1.61 ? 16 DT B OP2    1 
ATOM   494 O "O5'"  . DT B 2 5  ? -2.615  7.569   -8.081  1.00 0.58 ? 16 DT B "O5'"  1 
ATOM   495 C "C5'"  . DT B 2 5  ? -1.322  7.674   -8.694  1.00 0.60 ? 16 DT B "C5'"  1 
ATOM   496 C "C4'"  . DT B 2 5  ? -0.648  6.310   -8.832  1.00 0.58 ? 16 DT B "C4'"  1 
ATOM   497 O "O4'"  . DT B 2 5  ? -0.266  5.790   -7.538  1.00 0.55 ? 16 DT B "O4'"  1 
ATOM   498 C "C3'"  . DT B 2 5  ? -1.598  5.296   -9.474  1.00 0.57 ? 16 DT B "C3'"  1 
ATOM   499 O "O3'"  . DT B 2 5  ? -1.164  4.923   -10.800 1.00 0.63 ? 16 DT B "O3'"  1 
ATOM   500 C "C2'"  . DT B 2 5  ? -1.609  4.113   -8.523  1.00 0.53 ? 16 DT B "C2'"  1 
ATOM   501 C "C1'"  . DT B 2 5  ? -0.510  4.379   -7.517  1.00 0.53 ? 16 DT B "C1'"  1 
ATOM   502 N N1     . DT B 2 5  ? -0.897  3.908   -6.170  1.00 0.52 ? 16 DT B N1     1 
ATOM   503 C C2     . DT B 2 5  ? -0.127  2.910   -5.609  1.00 0.52 ? 16 DT B C2     1 
ATOM   504 O O2     . DT B 2 5  ? 0.850   2.439   -6.179  1.00 0.54 ? 16 DT B O2     1 
ATOM   505 N N3     . DT B 2 5  ? -0.526  2.468   -4.369  1.00 0.53 ? 16 DT B N3     1 
ATOM   506 C C4     . DT B 2 5  ? -1.610  2.919   -3.643  1.00 0.54 ? 16 DT B C4     1 
ATOM   507 O O4     . DT B 2 5  ? -1.872  2.441   -2.543  1.00 0.58 ? 16 DT B O4     1 
ATOM   508 C C5     . DT B 2 5  ? -2.358  3.962   -4.310  1.00 0.54 ? 16 DT B C5     1 
ATOM   509 C C7     . DT B 2 5  ? -3.614  4.528   -3.646  1.00 0.60 ? 16 DT B C7     1 
ATOM   510 C C6     . DT B 2 5  ? -1.995  4.420   -5.524  1.00 0.53 ? 16 DT B C6     1 
ATOM   511 H "H5'"  . DT B 2 5  ? -0.690  8.317   -8.077  1.00 0.64 ? 16 DT B "H5'"  1 
ATOM   512 H "H5''" . DT B 2 5  ? -1.430  8.119   -9.679  1.00 0.65 ? 16 DT B "H5''" 1 
ATOM   513 H "H4'"  . DT B 2 5  ? 0.244   6.409   -9.451  1.00 0.64 ? 16 DT B "H4'"  1 
ATOM   514 H "H3'"  . DT B 2 5  ? -2.603  5.724   -9.516  1.00 0.59 ? 16 DT B "H3'"  1 
ATOM   515 H "H2'"  . DT B 2 5  ? -2.570  4.070   -8.010  1.00 0.51 ? 16 DT B "H2'"  1 
ATOM   516 H "H2''" . DT B 2 5  ? -1.425  3.178   -9.049  1.00 0.53 ? 16 DT B "H2''" 1 
ATOM   517 H "H1'"  . DT B 2 5  ? 0.396   3.856   -7.827  1.00 0.57 ? 16 DT B "H1'"  1 
ATOM   518 H H3     . DT B 2 5  ? 0.024   1.725   -3.954  1.00 0.54 ? 16 DT B H3     1 
ATOM   519 H H71    . DT B 2 5  ? -4.490  4.018   -4.044  1.00 1.08 ? 16 DT B H71    1 
ATOM   520 H H72    . DT B 2 5  ? -3.687  5.592   -3.853  1.00 1.29 ? 16 DT B H72    1 
ATOM   521 H H73    . DT B 2 5  ? -3.558  4.367   -2.571  1.00 1.13 ? 16 DT B H73    1 
ATOM   522 H H6     . DT B 2 5  ? -2.580  5.208   -6.001  1.00 0.54 ? 16 DT B H6     1 
ATOM   523 P P      . DT B 2 6  ? -1.831  3.644   -11.530 1.00 0.65 ? 17 DT B P      1 
ATOM   524 O OP1    . DT B 2 6  ? -1.569  3.718   -12.991 1.00 1.48 ? 17 DT B OP1    1 
ATOM   525 O OP2    . DT B 2 6  ? -3.227  3.529   -11.041 1.00 1.37 ? 17 DT B OP2    1 
ATOM   526 O "O5'"  . DT B 2 6  ? -0.944  2.426   -10.920 1.00 0.77 ? 17 DT B "O5'"  1 
ATOM   527 C "C5'"  . DT B 2 6  ? 0.459   2.294   -11.241 1.00 0.60 ? 17 DT B "C5'"  1 
ATOM   528 C "C4'"  . DT B 2 6  ? 0.954   0.853   -11.068 1.00 0.60 ? 17 DT B "C4'"  1 
ATOM   529 O "O4'"  . DT B 2 6  ? 1.034   0.505   -9.667  1.00 0.60 ? 17 DT B "O4'"  1 
ATOM   530 C "C3'"  . DT B 2 6  ? 0.024   -0.147  -11.750 1.00 0.60 ? 17 DT B "C3'"  1 
ATOM   531 O "O3'"  . DT B 2 6  ? 0.765   -1.000  -12.642 1.00 0.66 ? 17 DT B "O3'"  1 
ATOM   532 C "C2'"  . DT B 2 6  ? -0.591  -0.941  -10.625 1.00 0.53 ? 17 DT B "C2'"  1 
ATOM   533 C "C1'"  . DT B 2 6  ? 0.304   -0.717  -9.423  1.00 0.54 ? 17 DT B "C1'"  1 
ATOM   534 N N1     . DT B 2 6  ? -0.482  -0.625  -8.181  1.00 0.50 ? 17 DT B N1     1 
ATOM   535 C C2     . DT B 2 6  ? -0.204  -1.532  -7.180  1.00 0.51 ? 17 DT B C2     1 
ATOM   536 O O2     . DT B 2 6  ? 0.647   -2.410  -7.304  1.00 0.55 ? 17 DT B O2     1 
ATOM   537 N N3     . DT B 2 6  ? -0.951  -1.407  -6.029  1.00 0.49 ? 17 DT B N3     1 
ATOM   538 C C4     . DT B 2 6  ? -1.934  -0.468  -5.787  1.00 0.49 ? 17 DT B C4     1 
ATOM   539 O O4     . DT B 2 6  ? -2.527  -0.440  -4.715  1.00 0.51 ? 17 DT B O4     1 
ATOM   540 C C5     . DT B 2 6  ? -2.154  0.437   -6.893  1.00 0.48 ? 17 DT B C5     1 
ATOM   541 C C7     . DT B 2 6  ? -3.226  1.517   -6.772  1.00 0.51 ? 17 DT B C7     1 
ATOM   542 C C6     . DT B 2 6  ? -1.440  0.343   -8.030  1.00 0.48 ? 17 DT B C6     1 
ATOM   543 H "H5'"  . DT B 2 6  ? 1.039   2.948   -10.585 1.00 0.74 ? 17 DT B "H5'"  1 
ATOM   544 H "H5''" . DT B 2 6  ? 0.620   2.605   -12.276 1.00 0.92 ? 17 DT B "H5''" 1 
ATOM   545 H "H4'"  . DT B 2 6  ? 1.950   0.764   -11.507 1.00 0.65 ? 17 DT B "H4'"  1 
ATOM   546 H "H3'"  . DT B 2 6  ? -0.758  0.387   -12.296 1.00 0.61 ? 17 DT B "H3'"  1 
ATOM   547 H "H2'"  . DT B 2 6  ? -1.593  -0.570  -10.418 1.00 0.50 ? 17 DT B "H2'"  1 
ATOM   548 H "H2''" . DT B 2 6  ? -0.626  -2.001  -10.874 1.00 0.55 ? 17 DT B "H2''" 1 
ATOM   549 H "H1'"  . DT B 2 6  ? 1.008   -1.543  -9.342  1.00 0.57 ? 17 DT B "H1'"  1 
ATOM   550 H H3     . DT B 2 6  ? -0.758  -2.066  -5.283  1.00 0.51 ? 17 DT B H3     1 
ATOM   551 H H71    . DT B 2 6  ? -3.435  1.931   -7.760  1.00 1.12 ? 17 DT B H71    1 
ATOM   552 H H72    . DT B 2 6  ? -2.871  2.305   -6.118  1.00 1.06 ? 17 DT B H72    1 
ATOM   553 H H73    . DT B 2 6  ? -4.133  1.081   -6.362  1.00 1.12 ? 17 DT B H73    1 
ATOM   554 H H6     . DT B 2 6  ? -1.630  1.040   -8.841  1.00 0.49 ? 17 DT B H6     1 
ATOM   555 P P      . DG B 2 7  ? 0.131   -2.374  -13.215 1.00 1.16 ? 18 DG B P      1 
ATOM   556 O OP1    . DG B 2 7  ? 0.985   -2.851  -14.323 1.00 1.68 ? 18 DG B OP1    1 
ATOM   557 O OP2    . DG B 2 7  ? -1.314  -2.155  -13.445 1.00 2.17 ? 18 DG B OP2    1 
ATOM   558 O "O5'"  . DG B 2 7  ? 0.298   -3.396  -11.972 1.00 0.97 ? 18 DG B "O5'"  1 
ATOM   559 C "C5'"  . DG B 2 7  ? 1.601   -3.845  -11.577 1.00 0.67 ? 18 DG B "C5'"  1 
ATOM   560 C "C4'"  . DG B 2 7  ? 1.553   -4.966  -10.531 1.00 0.65 ? 18 DG B "C4'"  1 
ATOM   561 O "O4'"  . DG B 2 7  ? 0.862   -4.541  -9.330  1.00 0.61 ? 18 DG B "O4'"  1 
ATOM   562 C "C3'"  . DG B 2 7  ? 0.824   -6.204  -11.064 1.00 0.63 ? 18 DG B "C3'"  1 
ATOM   563 O "O3'"  . DG B 2 7  ? 1.665   -7.370  -10.964 1.00 0.67 ? 18 DG B "O3'"  1 
ATOM   564 C "C2'"  . DG B 2 7  ? -0.391  -6.345  -10.185 1.00 0.57 ? 18 DG B "C2'"  1 
ATOM   565 C "C1'"  . DG B 2 7  ? -0.049  -5.580  -8.929  1.00 0.57 ? 18 DG B "C1'"  1 
ATOM   566 N N9     . DG B 2 7  ? -1.247  -5.036  -8.273  1.00 0.53 ? 18 DG B N9     1 
ATOM   567 C C8     . DG B 2 7  ? -2.204  -4.198  -8.745  1.00 0.51 ? 18 DG B C8     1 
ATOM   568 N N7     . DG B 2 7  ? -3.157  -3.868  -7.935  1.00 0.47 ? 18 DG B N7     1 
ATOM   569 C C5     . DG B 2 7  ? -2.803  -4.568  -6.776  1.00 0.47 ? 18 DG B C5     1 
ATOM   570 C C6     . DG B 2 7  ? -3.449  -4.631  -5.513  1.00 0.46 ? 18 DG B C6     1 
ATOM   571 O O6     . DG B 2 7  ? -4.479  -4.066  -5.153  1.00 0.45 ? 18 DG B O6     1 
ATOM   572 N N1     . DG B 2 7  ? -2.764  -5.457  -4.631  1.00 0.48 ? 18 DG B N1     1 
ATOM   573 C C2     . DG B 2 7  ? -1.598  -6.139  -4.920  1.00 0.51 ? 18 DG B C2     1 
ATOM   574 N N2     . DG B 2 7  ? -1.088  -6.890  -3.943  1.00 0.53 ? 18 DG B N2     1 
ATOM   575 N N3     . DG B 2 7  ? -0.988  -6.087  -6.105  1.00 0.52 ? 18 DG B N3     1 
ATOM   576 C C4     . DG B 2 7  ? -1.641  -5.292  -6.983  1.00 0.50 ? 18 DG B C4     1 
ATOM   577 H "H5'"  . DG B 2 7  ? 2.152   -3.001  -11.165 1.00 0.77 ? 18 DG B "H5'"  1 
ATOM   578 H "H5''" . DG B 2 7  ? 2.125   -4.213  -12.460 1.00 0.94 ? 18 DG B "H5''" 1 
ATOM   579 H "H4'"  . DG B 2 7  ? 2.572   -5.243  -10.269 1.00 0.69 ? 18 DG B "H4'"  1 
ATOM   580 H "H3'"  . DG B 2 7  ? 0.525   -6.038  -12.102 1.00 0.63 ? 18 DG B "H3'"  1 
ATOM   581 H "H2'"  . DG B 2 7  ? -1.259  -5.901  -10.675 1.00 0.54 ? 18 DG B "H2'"  1 
ATOM   582 H "H2''" . DG B 2 7  ? -0.577  -7.392  -9.959  1.00 0.56 ? 18 DG B "H2''" 1 
ATOM   583 H "H1'"  . DG B 2 7  ? 0.464   -6.253  -8.239  1.00 0.59 ? 18 DG B "H1'"  1 
ATOM   584 H H8     . DG B 2 7  ? -2.170  -3.817  -9.766  1.00 0.53 ? 18 DG B H8     1 
ATOM   585 H H1     . DG B 2 7  ? -3.167  -5.548  -3.710  1.00 0.49 ? 18 DG B H1     1 
ATOM   586 H H21    . DG B 2 7  ? -1.550  -6.933  -3.046  1.00 0.53 ? 18 DG B H21    1 
ATOM   587 H H22    . DG B 2 7  ? -0.241  -7.417  -4.102  1.00 0.55 ? 18 DG B H22    1 
ATOM   588 P P      . DT B 2 8  ? 1.074   -8.863  -11.165 1.00 0.68 ? 19 DT B P      1 
ATOM   589 O OP1    . DT B 2 8  ? 2.174   -9.736  -11.648 1.00 1.35 ? 19 DT B OP1    1 
ATOM   590 O OP2    . DT B 2 8  ? -0.191  -8.769  -11.945 1.00 1.56 ? 19 DT B OP2    1 
ATOM   591 O "O5'"  . DT B 2 8  ? 0.703   -9.317  -9.660  1.00 0.65 ? 19 DT B "O5'"  1 
ATOM   592 C "C5'"  . DT B 2 8  ? 1.642   -9.155  -8.590  1.00 0.71 ? 19 DT B "C5'"  1 
ATOM   593 C "C4'"  . DT B 2 8  ? 1.109   -9.730  -7.274  1.00 0.68 ? 19 DT B "C4'"  1 
ATOM   594 O "O4'"  . DT B 2 8  ? 0.104   -8.869  -6.685  1.00 0.64 ? 19 DT B "O4'"  1 
ATOM   595 C "C3'"  . DT B 2 8  ? 0.466   -11.095 -7.509  1.00 0.63 ? 19 DT B "C3'"  1 
ATOM   596 O "O3'"  . DT B 2 8  ? 1.107   -12.109 -6.724  1.00 0.69 ? 19 DT B "O3'"  1 
ATOM   597 C "C2'"  . DT B 2 8  ? -0.979  -10.934 -7.108  1.00 0.54 ? 19 DT B "C2'"  1 
ATOM   598 C "C1'"  . DT B 2 8  ? -1.036  -9.661  -6.291  1.00 0.57 ? 19 DT B "C1'"  1 
ATOM   599 N N1     . DT B 2 8  ? -2.303  -8.929  -6.501  1.00 0.50 ? 19 DT B N1     1 
ATOM   600 C C2     . DT B 2 8  ? -3.118  -8.743  -5.400  1.00 0.49 ? 19 DT B C2     1 
ATOM   601 O O2     . DT B 2 8  ? -2.840  -9.203  -4.293  1.00 0.52 ? 19 DT B O2     1 
ATOM   602 N N3     . DT B 2 8  ? -4.271  -8.018  -5.611  1.00 0.45 ? 19 DT B N3     1 
ATOM   603 C C4     . DT B 2 8  ? -4.679  -7.467  -6.810  1.00 0.44 ? 19 DT B C4     1 
ATOM   604 O O4     . DT B 2 8  ? -5.725  -6.826  -6.874  1.00 0.43 ? 19 DT B O4     1 
ATOM   605 C C5     . DT B 2 8  ? -3.773  -7.715  -7.910  1.00 0.45 ? 19 DT B C5     1 
ATOM   606 C C7     . DT B 2 8  ? -4.108  -7.165  -9.294  1.00 0.47 ? 19 DT B C7     1 
ATOM   607 C C6     . DT B 2 8  ? -2.636  -8.420  -7.731  1.00 0.49 ? 19 DT B C6     1 
ATOM   608 H "H5'"  . DT B 2 8  ? 1.844   -8.092  -8.465  1.00 0.75 ? 19 DT B "H5'"  1 
ATOM   609 H "H5''" . DT B 2 8  ? 2.573   -9.664  -8.853  1.00 0.75 ? 19 DT B "H5''" 1 
ATOM   610 H "H4'"  . DT B 2 8  ? 1.939   -9.841  -6.576  1.00 0.75 ? 19 DT B "H4'"  1 
ATOM   611 H "H3'"  . DT B 2 8  ? 0.525   -11.350 -8.571  1.00 0.62 ? 19 DT B "H3'"  1 
ATOM   612 H "H2'"  . DT B 2 8  ? -1.603  -10.835 -7.998  1.00 0.50 ? 19 DT B "H2'"  1 
ATOM   613 H "H2''" . DT B 2 8  ? -1.304  -11.784 -6.513  1.00 0.53 ? 19 DT B "H2''" 1 
ATOM   614 H "H1'"  . DT B 2 8  ? -0.946  -9.920  -5.231  1.00 0.59 ? 19 DT B "H1'"  1 
ATOM   615 H H3     . DT B 2 8  ? -4.870  -7.869  -4.813  1.00 0.46 ? 19 DT B H3     1 
ATOM   616 H H71    . DT B 2 8  ? -4.116  -7.980  -10.017 1.00 0.90 ? 19 DT B H71    1 
ATOM   617 H H72    . DT B 2 8  ? -3.360  -6.429  -9.587  1.00 0.96 ? 19 DT B H72    1 
ATOM   618 H H73    . DT B 2 8  ? -5.091  -6.692  -9.272  1.00 1.06 ? 19 DT B H73    1 
ATOM   619 H H6     . DT B 2 8  ? -1.975  -8.595  -8.580  1.00 0.52 ? 19 DT B H6     1 
ATOM   620 P P      . DC B 2 9  ? 0.533   -13.615 -6.723  1.00 0.67 ? 20 DC B P      1 
ATOM   621 O OP1    . DC B 2 9  ? 1.632   -14.536 -6.338  1.00 1.31 ? 20 DC B OP1    1 
ATOM   622 O OP2    . DC B 2 9  ? -0.217  -13.830 -7.990  1.00 1.58 ? 20 DC B OP2    1 
ATOM   623 O "O5'"  . DC B 2 9  ? -0.528  -13.572 -5.517  1.00 0.65 ? 20 DC B "O5'"  1 
ATOM   624 C "C5'"  . DC B 2 9  ? -0.095  -13.493 -4.161  1.00 0.77 ? 20 DC B "C5'"  1 
ATOM   625 C "C4'"  . DC B 2 9  ? -1.245  -13.830 -3.211  1.00 0.79 ? 20 DC B "C4'"  1 
ATOM   626 O "O4'"  . DC B 2 9  ? -2.191  -12.740 -3.158  1.00 0.73 ? 20 DC B "O4'"  1 
ATOM   627 C "C3'"  . DC B 2 9  ? -1.985  -15.077 -3.698  1.00 0.75 ? 20 DC B "C3'"  1 
ATOM   628 O "O3'"  . DC B 2 9  ? -1.914  -16.171 -2.754  1.00 0.90 ? 20 DC B "O3'"  1 
ATOM   629 C "C2'"  . DC B 2 9  ? -3.410  -14.646 -3.940  1.00 0.63 ? 20 DC B "C2'"  1 
ATOM   630 C "C1'"  . DC B 2 9  ? -3.528  -13.215 -3.439  1.00 0.64 ? 20 DC B "C1'"  1 
ATOM   631 N N1     . DC B 2 9  ? -4.201  -12.359 -4.445  1.00 0.53 ? 20 DC B N1     1 
ATOM   632 C C2     . DC B 2 9  ? -5.286  -11.605 -4.018  1.00 0.55 ? 20 DC B C2     1 
ATOM   633 O O2     . DC B 2 9  ? -5.642  -11.638 -2.842  1.00 0.64 ? 20 DC B O2     1 
ATOM   634 N N3     . DC B 2 9  ? -5.938  -10.839 -4.930  1.00 0.48 ? 20 DC B N3     1 
ATOM   635 C C4     . DC B 2 9  ? -5.551  -10.809 -6.210  1.00 0.42 ? 20 DC B C4     1 
ATOM   636 N N4     . DC B 2 9  ? -6.226  -10.053 -7.075  1.00 0.41 ? 20 DC B N4     1 
ATOM   637 C C5     . DC B 2 9  ? -4.432  -11.578 -6.658  1.00 0.41 ? 20 DC B C5     1 
ATOM   638 C C6     . DC B 2 9  ? -3.788  -12.336 -5.747  1.00 0.46 ? 20 DC B C6     1 
ATOM   639 H "H5'"  . DC B 2 9  ? 0.255   -12.477 -3.960  1.00 0.84 ? 20 DC B "H5'"  1 
ATOM   640 H "H5''" . DC B 2 9  ? 0.728   -14.191 -4.001  1.00 0.83 ? 20 DC B "H5''" 1 
ATOM   641 H "H4'"  . DC B 2 9  ? -0.842  -14.008 -2.211  1.00 0.90 ? 20 DC B "H4'"  1 
ATOM   642 H "H3'"  . DC B 2 9  ? -1.552  -15.395 -4.649  1.00 0.73 ? 20 DC B "H3'"  1 
ATOM   643 H "H2'"  . DC B 2 9  ? -3.627  -14.683 -5.010  1.00 0.56 ? 20 DC B "H2'"  1 
ATOM   644 H "H2''" . DC B 2 9  ? -4.102  -15.291 -3.400  1.00 0.67 ? 20 DC B "H2''" 1 
ATOM   645 H "H1'"  . DC B 2 9  ? -4.109  -13.208 -2.520  1.00 0.71 ? 20 DC B "H1'"  1 
ATOM   646 H H41    . DC B 2 9  ? -7.016  -9.509  -6.758  1.00 0.44 ? 20 DC B H41    1 
ATOM   647 H H42    . DC B 2 9  ? -5.950  -10.024 -8.045  1.00 0.42 ? 20 DC B H42    1 
ATOM   648 H H5     . DC B 2 9  ? -4.113  -11.556 -7.701  1.00 0.41 ? 20 DC B H5     1 
ATOM   649 H H6     . DC B 2 9  ? -2.932  -12.934 -6.054  1.00 0.48 ? 20 DC B H6     1 
ATOM   650 P P      . DC B 2 10 ? -2.381  -16.048 -1.209  1.00 1.25 ? 21 DC B P      1 
ATOM   651 O OP1    . DC B 2 10 ? -1.478  -15.100 -0.514  1.00 2.29 ? 21 DC B OP1    1 
ATOM   652 O OP2    . DC B 2 10 ? -2.537  -17.423 -0.677  1.00 1.79 ? 21 DC B OP2    1 
ATOM   653 O "O5'"  . DC B 2 10 ? -3.849  -15.388 -1.291  1.00 1.14 ? 21 DC B "O5'"  1 
ATOM   654 C "C5'"  . DC B 2 10 ? -4.468  -14.898 -0.096  1.00 1.28 ? 21 DC B "C5'"  1 
ATOM   655 C "C4'"  . DC B 2 10 ? -5.996  -14.985 -0.143  1.00 1.18 ? 21 DC B "C4'"  1 
ATOM   656 O "O4'"  . DC B 2 10 ? -6.536  -14.194 -1.226  1.00 0.99 ? 21 DC B "O4'"  1 
ATOM   657 C "C3'"  . DC B 2 10 ? -6.475  -16.423 -0.334  1.00 1.17 ? 21 DC B "C3'"  1 
ATOM   658 O "O3'"  . DC B 2 10 ? -7.205  -16.866 0.820   1.00 1.38 ? 21 DC B "O3'"  1 
ATOM   659 C "C2'"  . DC B 2 10 ? -7.356  -16.395 -1.564  1.00 1.00 ? 21 DC B "C2'"  1 
ATOM   660 C "C1'"  . DC B 2 10 ? -7.603  -14.926 -1.857  1.00 0.88 ? 21 DC B "C1'"  1 
ATOM   661 N N1     . DC B 2 10 ? -7.660  -14.636 -3.308  1.00 0.69 ? 21 DC B N1     1 
ATOM   662 C C2     . DC B 2 10 ? -8.644  -13.756 -3.733  1.00 0.65 ? 21 DC B C2     1 
ATOM   663 O O2     . DC B 2 10 ? -9.437  -13.275 -2.925  1.00 0.75 ? 21 DC B O2     1 
ATOM   664 N N3     . DC B 2 10 ? -8.710  -13.446 -5.053  1.00 0.58 ? 21 DC B N3     1 
ATOM   665 C C4     . DC B 2 10 ? -7.852  -13.978 -5.929  1.00 0.59 ? 21 DC B C4     1 
ATOM   666 N N4     . DC B 2 10 ? -7.943  -13.641 -7.216  1.00 0.69 ? 21 DC B N4     1 
ATOM   667 C C5     . DC B 2 10 ? -6.837  -14.892 -5.503  1.00 0.61 ? 21 DC B C5     1 
ATOM   668 C C6     . DC B 2 10 ? -6.776  -15.192 -4.190  1.00 0.65 ? 21 DC B C6     1 
ATOM   669 H "H5'"  . DC B 2 10 ? -4.178  -13.856 0.048   1.00 1.41 ? 21 DC B "H5'"  1 
ATOM   670 H "H5''" . DC B 2 10 ? -4.110  -15.482 0.752   1.00 1.46 ? 21 DC B "H5''" 1 
ATOM   671 H "H4'"  . DC B 2 10 ? -6.396  -14.606 0.796   1.00 1.38 ? 21 DC B "H4'"  1 
ATOM   672 H "H3'"  . DC B 2 10 ? -5.618  -17.077 -0.512  1.00 1.21 ? 21 DC B "H3'"  1 
ATOM   673 H "H2'"  . DC B 2 10 ? -6.837  -16.865 -2.398  1.00 0.94 ? 21 DC B "H2'"  1 
ATOM   674 H "H2''" . DC B 2 10 ? -8.299  -16.906 -1.373  1.00 1.11 ? 21 DC B "H2''" 1 
ATOM   675 H "H1'"  . DC B 2 10 ? -8.548  -14.635 -1.398  1.00 0.98 ? 21 DC B "H1'"  1 
ATOM   676 H H41    . DC B 2 10 ? -8.661  -12.995 -7.516  1.00 0.74 ? 21 DC B H41    1 
ATOM   677 H H42    . DC B 2 10 ? -7.301  -14.031 -7.889  1.00 0.78 ? 21 DC B H42    1 
ATOM   678 H H5     . DC B 2 10 ? -6.140  -15.333 -6.215  1.00 0.69 ? 21 DC B H5     1 
ATOM   679 H H6     . DC B 2 10 ? -6.011  -15.878 -3.832  1.00 0.74 ? 21 DC B H6     1 
ATOM   680 P P      . DG B 2 11 ? -7.964  -18.289 0.842   1.00 1.90 ? 22 DG B P      1 
ATOM   681 O OP1    . DG B 2 11 ? -7.956  -18.801 2.229   1.00 2.43 ? 22 DG B OP1    1 
ATOM   682 O OP2    . DG B 2 11 ? -7.424  -19.125 -0.253  1.00 2.70 ? 22 DG B OP2    1 
ATOM   683 O "O5'"  . DG B 2 11 ? -9.478  -17.885 0.463   1.00 1.79 ? 22 DG B "O5'"  1 
ATOM   684 C "C5'"  . DG B 2 11 ? -10.214 -16.975 1.282   1.00 1.77 ? 22 DG B "C5'"  1 
ATOM   685 C "C4'"  . DG B 2 11 ? -11.469 -16.476 0.576   1.00 1.66 ? 22 DG B "C4'"  1 
ATOM   686 O "O4'"  . DG B 2 11 ? -11.133 -15.778 -0.638  1.00 1.45 ? 22 DG B "O4'"  1 
ATOM   687 C "C3'"  . DG B 2 11 ? -12.392 -17.634 0.201   1.00 1.81 ? 22 DG B "C3'"  1 
ATOM   688 O "O3'"  . DG B 2 11 ? -13.510 -17.707 1.086   1.00 1.98 ? 22 DG B "O3'"  1 
ATOM   689 C "C2'"  . DG B 2 11 ? -12.829 -17.352 -1.212  1.00 1.69 ? 22 DG B "C2'"  1 
ATOM   690 C "C1'"  . DG B 2 11 ? -12.137 -16.060 -1.624  1.00 1.45 ? 22 DG B "C1'"  1 
ATOM   691 N N9     . DG B 2 11 ? -11.556 -16.176 -2.969  1.00 1.33 ? 22 DG B N9     1 
ATOM   692 C C8     . DG B 2 11 ? -10.528 -16.936 -3.426  1.00 1.33 ? 22 DG B C8     1 
ATOM   693 N N7     . DG B 2 11 ? -10.239 -16.853 -4.683  1.00 1.28 ? 22 DG B N7     1 
ATOM   694 C C5     . DG B 2 11 ? -11.189 -15.929 -5.128  1.00 1.23 ? 22 DG B C5     1 
ATOM   695 C C6     . DG B 2 11 ? -11.410 -15.403 -6.425  1.00 1.23 ? 22 DG B C6     1 
ATOM   696 O O6     . DG B 2 11 ? -10.807 -15.654 -7.464  1.00 1.29 ? 22 DG B O6     1 
ATOM   697 N N1     . DG B 2 11 ? -12.467 -14.502 -6.431  1.00 1.23 ? 22 DG B N1     1 
ATOM   698 C C2     . DG B 2 11 ? -13.220 -14.145 -5.331  1.00 1.23 ? 22 DG B C2     1 
ATOM   699 N N2     . DG B 2 11 ? -14.193 -13.255 -5.534  1.00 1.26 ? 22 DG B N2     1 
ATOM   700 N N3     . DG B 2 11 ? -13.016 -14.633 -4.113  1.00 1.25 ? 22 DG B N3     1 
ATOM   701 C C4     . DG B 2 11 ? -11.993 -15.512 -4.082  1.00 1.25 ? 22 DG B C4     1 
ATOM   702 H "H5'"  . DG B 2 11 ? -9.579  -16.121 1.522   1.00 1.74 ? 22 DG B "H5'"  1 
ATOM   703 H "H5''" . DG B 2 11 ? -10.500 -17.475 2.206   1.00 1.95 ? 22 DG B "H5''" 1 
ATOM   704 H "H4'"  . DG B 2 11 ? -12.001 -15.791 1.238   1.00 1.68 ? 22 DG B "H4'"  1 
ATOM   705 H "H3'"  . DG B 2 11 ? -11.835 -18.564 0.232   1.00 1.92 ? 22 DG B "H3'"  1 
ATOM   706 H "HO3'" . DG B 2 11 ? -13.645 -16.816 1.461   1.00 2.01 ? 22 DG B "HO3'" 1 
ATOM   707 H "H2'"  . DG B 2 11 ? -12.518 -18.164 -1.864  1.00 1.74 ? 22 DG B "H2'"  1 
ATOM   708 H "H2''" . DG B 2 11 ? -13.912 -17.223 -1.257  1.00 1.77 ? 22 DG B "H2''" 1 
ATOM   709 H "H1'"  . DG B 2 11 ? -12.870 -15.251 -1.623  1.00 1.44 ? 22 DG B "H1'"  1 
ATOM   710 H H8     . DG B 2 11 ? -9.967  -17.590 -2.759  1.00 1.41 ? 22 DG B H8     1 
ATOM   711 H H1     . DG B 2 11 ? -12.684 -14.089 -7.324  1.00 1.27 ? 22 DG B H1     1 
ATOM   712 H H21    . DG B 2 11 ? -14.356 -12.887 -6.460  1.00 1.29 ? 22 DG B H21    1 
ATOM   713 H H22    . DG B 2 11 ? -14.771 -12.956 -4.762  1.00 1.30 ? 22 DG B H22    1 
# 
